data_4WWV
#
_entry.id   4WWV
#
_cell.length_a   234.323
_cell.length_b   234.323
_cell.length_c   234.323
_cell.angle_alpha   90.000
_cell.angle_beta   90.000
_cell.angle_gamma   90.000
#
_symmetry.space_group_name_H-M   'F 2 3'
#
loop_
_entity.id
_entity.type
_entity.pdbx_description
1 polymer 'Aminopeptidase from family M42'
2 water water
#
_entity_poly.entity_id   1
_entity_poly.type   'polypeptide(L)'
_entity_poly.pdbx_seq_one_letter_code
;MGSSHHHHHHSSGLVPRGSHMLEDPVNTLEWRGQYIELIKKLTSLHAPSGREDPVKDLVAELMKSHVDKLWIDVWGNVVG
YRKGSKGSGKIMIAAHMDEIGLFISHIEDDGFLRVIPIGGVLERTLLYQRVVVRTRDGRLYRGVIGLKPPHVIKPEEAQK
VPELRELFIDVGASSKEEVEKMGIRVGDIAVFDREVAELGWNRITSKAFDDRVGVVVMLKALEMLEKHDVDVYLVATVQE
EVGLKGAKTSAYGISPDVALAIDVTIASDVPGVAKSEWFTRLGYGPAIKIVDGRNAGGLIAHPKVGEFLVSIAEKKRIPY
QLDVISGGTTDASTIALNKEGVAAGTISIPSRYIHSPVEVVDLRDLYNASLLAKAFIEEATPEWIQSIKGVVIK
;
_entity_poly.pdbx_strand_id   A,B
#
# COMPACT_ATOMS: atom_id res chain seq x y z
N GLU A 30 -0.63 5.48 -4.99
CA GLU A 30 -1.22 6.83 -4.89
C GLU A 30 -2.39 6.87 -3.90
N TRP A 31 -2.30 6.05 -2.85
CA TRP A 31 -3.28 6.06 -1.75
C TRP A 31 -3.35 7.42 -1.06
N ARG A 32 -2.19 8.05 -0.95
CA ARG A 32 -2.05 9.35 -0.29
C ARG A 32 -3.09 10.32 -0.80
N GLY A 33 -3.28 10.36 -2.11
CA GLY A 33 -4.19 11.30 -2.71
C GLY A 33 -5.62 10.95 -2.39
N GLN A 34 -5.91 9.67 -2.28
CA GLN A 34 -7.26 9.20 -1.95
C GLN A 34 -7.65 9.59 -0.53
N TYR A 35 -6.70 9.52 0.38
CA TYR A 35 -6.94 9.96 1.74
C TYR A 35 -7.21 11.45 1.78
N ILE A 36 -6.33 12.23 1.17
CA ILE A 36 -6.48 13.67 1.20
C ILE A 36 -7.83 14.13 0.68
N GLU A 37 -8.31 13.51 -0.40
CA GLU A 37 -9.52 14.00 -1.01
C GLU A 37 -10.70 13.64 -0.15
N LEU A 38 -10.62 12.50 0.52
CA LEU A 38 -11.70 12.10 1.39
C LEU A 38 -11.74 13.04 2.57
N ILE A 39 -10.56 13.45 3.03
CA ILE A 39 -10.44 14.32 4.18
C ILE A 39 -10.90 15.73 3.84
N LYS A 40 -10.57 16.20 2.65
CA LYS A 40 -11.04 17.50 2.22
C LYS A 40 -12.55 17.51 2.18
N LYS A 41 -13.12 16.42 1.70
CA LYS A 41 -14.57 16.29 1.63
C LYS A 41 -15.19 16.43 2.99
N LEU A 42 -14.63 15.72 3.97
CA LEU A 42 -15.19 15.68 5.31
C LEU A 42 -14.85 16.89 6.19
N THR A 43 -13.68 17.49 5.97
CA THR A 43 -13.28 18.62 6.80
C THR A 43 -13.71 19.95 6.24
N SER A 44 -14.27 19.95 5.03
CA SER A 44 -14.85 21.17 4.48
C SER A 44 -16.31 21.19 4.84
N LEU A 45 -16.73 20.13 5.50
CA LEU A 45 -18.09 20.07 6.01
C LEU A 45 -18.07 20.63 7.40
N HIS A 46 -19.03 21.49 7.68
CA HIS A 46 -19.00 22.20 8.93
C HIS A 46 -20.13 21.69 9.82
N ALA A 47 -19.71 20.90 10.79
CA ALA A 47 -20.62 20.14 11.61
C ALA A 47 -20.10 20.02 13.04
N PRO A 48 -20.25 21.08 13.83
CA PRO A 48 -19.90 21.04 15.25
C PRO A 48 -20.93 20.23 16.02
N SER A 49 -20.64 19.86 17.25
CA SER A 49 -21.50 18.97 18.03
C SER A 49 -22.96 19.40 18.04
N GLY A 50 -23.84 18.43 17.84
CA GLY A 50 -25.29 18.67 17.78
C GLY A 50 -25.78 19.04 16.39
N ARG A 51 -24.87 19.57 15.59
CA ARG A 51 -25.13 19.99 14.22
C ARG A 51 -24.62 19.11 13.08
N GLU A 52 -24.17 17.90 13.40
CA GLU A 52 -23.38 17.08 12.48
C GLU A 52 -24.00 16.66 11.13
N ASP A 53 -25.27 17.01 10.89
CA ASP A 53 -26.00 16.59 9.69
C ASP A 53 -25.25 16.65 8.34
N PRO A 54 -24.43 17.69 8.09
CA PRO A 54 -23.73 17.66 6.79
C PRO A 54 -22.82 16.45 6.64
N VAL A 55 -22.01 16.20 7.66
CA VAL A 55 -21.14 15.05 7.65
C VAL A 55 -21.99 13.78 7.70
N LYS A 56 -22.99 13.79 8.57
CA LYS A 56 -23.88 12.65 8.78
C LYS A 56 -24.43 12.12 7.46
N ASP A 57 -24.84 13.02 6.59
CA ASP A 57 -25.31 12.64 5.28
C ASP A 57 -24.25 11.86 4.53
N LEU A 58 -23.16 12.53 4.21
CA LEU A 58 -22.08 11.95 3.42
C LEU A 58 -21.61 10.59 3.91
N VAL A 59 -21.43 10.47 5.22
CA VAL A 59 -20.84 9.27 5.79
C VAL A 59 -21.71 8.08 5.44
N ALA A 60 -23.01 8.28 5.53
CA ALA A 60 -23.99 7.29 5.13
C ALA A 60 -23.76 6.88 3.69
N GLU A 61 -23.67 7.87 2.81
CA GLU A 61 -23.42 7.64 1.41
C GLU A 61 -22.22 6.74 1.22
N LEU A 62 -21.09 7.16 1.79
CA LEU A 62 -19.84 6.44 1.56
C LEU A 62 -19.87 5.07 2.18
N MET A 63 -20.65 4.91 3.24
CA MET A 63 -20.61 3.68 4.01
C MET A 63 -21.43 2.60 3.32
N LYS A 64 -22.36 3.03 2.48
CA LYS A 64 -23.50 2.22 2.04
C LYS A 64 -23.17 0.91 1.33
N SER A 65 -22.30 0.96 0.33
CA SER A 65 -22.04 -0.24 -0.45
C SER A 65 -21.35 -1.32 0.37
N HIS A 66 -20.59 -0.95 1.38
CA HIS A 66 -19.75 -1.93 2.02
C HIS A 66 -20.44 -2.63 3.17
N VAL A 67 -21.67 -2.20 3.45
CA VAL A 67 -22.37 -2.73 4.59
C VAL A 67 -23.56 -3.59 4.19
N ASP A 68 -23.89 -4.55 5.04
CA ASP A 68 -25.08 -5.37 4.89
C ASP A 68 -26.31 -4.55 5.27
N LYS A 69 -26.40 -4.17 6.54
CA LYS A 69 -27.47 -3.29 7.05
C LYS A 69 -26.90 -1.90 7.40
N LEU A 70 -27.68 -0.84 7.19
CA LEU A 70 -27.23 0.51 7.55
C LEU A 70 -28.35 1.47 7.98
N TRP A 71 -28.12 2.24 9.05
CA TRP A 71 -29.14 3.18 9.53
C TRP A 71 -28.62 4.35 10.36
N ILE A 72 -29.46 5.35 10.53
CA ILE A 72 -29.16 6.50 11.37
C ILE A 72 -30.08 6.50 12.56
N ASP A 73 -29.54 6.49 13.77
CA ASP A 73 -30.40 6.28 14.93
C ASP A 73 -31.04 7.59 15.37
N VAL A 74 -31.64 7.55 16.56
CA VAL A 74 -32.26 8.71 17.16
C VAL A 74 -31.38 9.94 17.07
N TRP A 75 -30.21 9.89 17.68
CA TRP A 75 -29.36 11.07 17.82
C TRP A 75 -28.58 11.40 16.57
N GLY A 76 -28.73 10.58 15.54
CA GLY A 76 -28.07 10.85 14.28
C GLY A 76 -26.77 10.09 14.12
N ASN A 77 -26.55 9.07 14.94
CA ASN A 77 -25.41 8.19 14.74
C ASN A 77 -25.58 7.42 13.46
N VAL A 78 -24.53 7.32 12.65
CA VAL A 78 -24.60 6.46 11.48
C VAL A 78 -24.10 5.07 11.85
N VAL A 79 -24.93 4.06 11.63
CA VAL A 79 -24.57 2.69 11.98
C VAL A 79 -24.58 1.74 10.80
N GLY A 80 -23.39 1.28 10.38
CA GLY A 80 -23.27 0.28 9.34
C GLY A 80 -23.16 -1.10 9.96
N TYR A 81 -23.56 -2.13 9.23
CA TYR A 81 -23.48 -3.48 9.78
C TYR A 81 -22.95 -4.48 8.78
N ARG A 82 -21.85 -5.13 9.13
CA ARG A 82 -21.38 -6.26 8.38
C ARG A 82 -21.57 -7.53 9.19
N LYS A 83 -22.41 -8.42 8.68
CA LYS A 83 -22.43 -9.78 9.16
C LYS A 83 -21.32 -10.52 8.46
N GLY A 84 -20.44 -11.13 9.25
CA GLY A 84 -19.37 -11.93 8.70
C GLY A 84 -19.73 -13.40 8.81
N SER A 85 -18.77 -14.28 8.54
CA SER A 85 -19.10 -15.70 8.48
C SER A 85 -18.69 -16.50 9.70
N LYS A 86 -19.67 -16.68 10.61
CA LYS A 86 -19.70 -17.53 11.82
C LYS A 86 -20.99 -17.12 12.51
N GLY A 87 -21.35 -17.82 13.58
CA GLY A 87 -22.39 -17.32 14.48
C GLY A 87 -21.74 -16.28 15.38
N SER A 88 -20.48 -16.55 15.72
CA SER A 88 -19.56 -15.54 16.22
C SER A 88 -20.01 -14.64 17.35
N GLY A 89 -19.91 -13.34 17.09
CA GLY A 89 -20.14 -12.31 18.09
C GLY A 89 -20.22 -10.92 17.47
N LYS A 90 -20.08 -9.90 18.30
CA LYS A 90 -20.21 -8.53 17.83
C LYS A 90 -19.06 -7.64 18.27
N ILE A 91 -18.41 -7.02 17.29
CA ILE A 91 -17.38 -6.03 17.55
C ILE A 91 -17.83 -4.70 16.92
N MET A 92 -17.61 -3.61 17.65
CA MET A 92 -18.03 -2.29 17.21
C MET A 92 -16.83 -1.34 17.01
N ILE A 93 -16.92 -0.50 15.98
CA ILE A 93 -15.87 0.46 15.73
C ILE A 93 -16.46 1.88 15.75
N ALA A 94 -15.82 2.80 16.48
CA ALA A 94 -16.45 4.11 16.71
C ALA A 94 -15.55 5.31 16.39
N ALA A 95 -16.14 6.30 15.71
CA ALA A 95 -15.49 7.56 15.42
C ALA A 95 -16.50 8.69 15.48
N HIS A 96 -16.11 9.87 15.96
CA HIS A 96 -17.10 10.93 16.07
C HIS A 96 -17.02 11.93 14.94
N MET A 97 -18.20 12.35 14.48
CA MET A 97 -18.32 13.29 13.38
C MET A 97 -18.18 14.73 13.81
N ASP A 98 -18.51 15.02 15.06
CA ASP A 98 -18.59 16.39 15.52
C ASP A 98 -17.24 17.02 15.75
N GLU A 99 -17.19 18.34 15.58
CA GLU A 99 -16.00 19.15 15.82
C GLU A 99 -16.32 20.27 16.81
N ILE A 100 -15.31 20.89 17.38
CA ILE A 100 -15.55 22.02 18.26
C ILE A 100 -15.99 23.18 17.38
N GLY A 101 -16.62 24.18 17.99
CA GLY A 101 -17.09 25.33 17.24
C GLY A 101 -17.63 26.36 18.21
N LEU A 102 -18.41 27.30 17.70
CA LEU A 102 -18.98 28.35 18.54
C LEU A 102 -20.43 28.61 18.21
N PHE A 103 -21.26 28.77 19.24
CA PHE A 103 -22.64 29.19 19.09
C PHE A 103 -22.71 30.69 19.07
N ILE A 104 -23.37 31.29 18.10
CA ILE A 104 -23.56 32.73 18.22
C ILE A 104 -24.65 32.87 19.28
N SER A 105 -24.38 33.69 20.30
CA SER A 105 -25.21 33.80 21.50
C SER A 105 -26.01 35.11 21.53
N HIS A 106 -25.34 36.23 21.36
CA HIS A 106 -25.98 37.51 21.20
C HIS A 106 -25.65 38.17 19.85
N ILE A 107 -26.57 38.98 19.31
CA ILE A 107 -26.27 39.83 18.16
C ILE A 107 -26.33 41.33 18.47
N GLU A 108 -25.20 41.99 18.41
CA GLU A 108 -25.16 43.37 18.84
C GLU A 108 -25.94 44.24 17.92
N ASP A 109 -26.31 45.41 18.42
CA ASP A 109 -26.93 46.40 17.58
C ASP A 109 -25.90 46.93 16.61
N ASP A 110 -24.64 46.97 17.07
CA ASP A 110 -23.49 47.27 16.22
C ASP A 110 -23.47 46.38 15.00
N GLY A 111 -24.03 45.19 15.13
CA GLY A 111 -24.02 44.20 14.08
C GLY A 111 -23.06 43.05 14.34
N PHE A 112 -22.28 43.15 15.40
CA PHE A 112 -21.32 42.14 15.81
C PHE A 112 -21.97 40.98 16.53
N LEU A 113 -21.33 39.83 16.50
CA LEU A 113 -21.86 38.62 17.14
C LEU A 113 -21.00 38.19 18.31
N ARG A 114 -21.64 37.75 19.38
CA ARG A 114 -20.97 37.23 20.55
C ARG A 114 -21.16 35.74 20.57
N VAL A 115 -20.19 35.02 21.09
CA VAL A 115 -20.26 33.57 21.08
C VAL A 115 -19.95 32.91 22.42
N ILE A 116 -20.38 31.65 22.52
CA ILE A 116 -20.04 30.75 23.62
C ILE A 116 -19.53 29.49 22.94
N PRO A 117 -18.62 28.75 23.58
CA PRO A 117 -17.95 27.62 22.90
C PRO A 117 -18.71 26.30 22.82
N ILE A 118 -18.43 25.52 21.78
CA ILE A 118 -18.90 24.14 21.73
C ILE A 118 -17.72 23.21 21.96
N GLY A 119 -17.73 22.52 23.09
CA GLY A 119 -16.62 21.67 23.46
C GLY A 119 -15.38 22.42 23.89
N GLY A 120 -14.23 21.81 23.66
CA GLY A 120 -12.99 22.16 24.33
C GLY A 120 -12.23 23.32 23.74
N VAL A 121 -12.94 24.26 23.14
CA VAL A 121 -12.33 25.48 22.58
C VAL A 121 -11.59 26.36 23.61
N LEU A 122 -10.37 26.75 23.24
CA LEU A 122 -9.52 27.63 24.04
C LEU A 122 -9.25 28.94 23.34
N GLU A 123 -9.20 30.03 24.09
CA GLU A 123 -9.18 31.36 23.48
C GLU A 123 -7.95 31.66 22.68
N ARG A 124 -6.84 31.02 22.96
CA ARG A 124 -5.64 31.27 22.18
C ARG A 124 -5.88 30.96 20.72
N THR A 125 -6.76 30.01 20.44
CA THR A 125 -6.96 29.63 19.07
C THR A 125 -7.89 30.55 18.33
N LEU A 126 -8.55 31.45 19.03
CA LEU A 126 -9.57 32.30 18.42
C LEU A 126 -9.10 33.65 17.94
N LEU A 127 -7.90 34.07 18.32
CA LEU A 127 -7.48 35.42 18.08
C LEU A 127 -7.08 35.66 16.66
N TYR A 128 -7.72 36.61 16.00
CA TYR A 128 -7.44 37.01 14.61
C TYR A 128 -7.61 35.83 13.69
N GLN A 129 -8.68 35.09 13.93
CA GLN A 129 -9.01 33.93 13.15
C GLN A 129 -10.22 34.18 12.27
N ARG A 130 -10.24 33.53 11.12
CA ARG A 130 -11.33 33.68 10.21
C ARG A 130 -12.26 32.51 10.41
N VAL A 131 -13.57 32.77 10.33
CA VAL A 131 -14.58 31.80 10.75
C VAL A 131 -15.69 31.68 9.72
N VAL A 132 -16.36 30.53 9.66
CA VAL A 132 -17.54 30.38 8.80
C VAL A 132 -18.80 30.18 9.64
N VAL A 133 -19.79 31.04 9.43
CA VAL A 133 -21.05 30.95 10.15
C VAL A 133 -22.08 30.33 9.25
N ARG A 134 -22.80 29.32 9.74
CA ARG A 134 -23.92 28.84 8.95
C ARG A 134 -25.30 28.97 9.59
N THR A 135 -25.99 30.05 9.23
CA THR A 135 -27.34 30.04 8.65
C THR A 135 -28.27 28.95 9.05
N ARG A 136 -29.15 29.21 10.01
CA ARG A 136 -30.14 28.23 10.39
C ARG A 136 -30.77 27.51 9.19
N ASP A 137 -30.82 28.12 8.00
CA ASP A 137 -31.39 27.33 6.92
C ASP A 137 -30.30 26.63 6.10
N GLY A 138 -29.72 27.23 5.07
CA GLY A 138 -28.55 26.63 4.46
C GLY A 138 -27.18 27.28 4.41
N ARG A 139 -27.12 28.60 4.53
CA ARG A 139 -26.04 29.32 3.86
C ARG A 139 -24.79 29.53 4.70
N LEU A 140 -23.76 30.09 4.11
CA LEU A 140 -22.44 30.20 4.74
C LEU A 140 -21.82 31.59 4.60
N TYR A 141 -21.67 32.32 5.70
CA TYR A 141 -21.02 33.60 5.64
C TYR A 141 -19.69 33.61 6.38
N ARG A 142 -18.68 34.24 5.82
CA ARG A 142 -17.41 34.31 6.50
C ARG A 142 -17.50 35.37 7.55
N GLY A 143 -16.72 35.21 8.59
CA GLY A 143 -16.63 36.19 9.65
C GLY A 143 -15.23 36.24 10.24
N VAL A 144 -14.98 37.28 11.01
CA VAL A 144 -13.65 37.55 11.53
C VAL A 144 -13.74 37.72 13.04
N ILE A 145 -12.88 37.04 13.78
CA ILE A 145 -12.89 37.16 15.24
C ILE A 145 -11.91 38.23 15.60
N GLY A 146 -12.42 39.34 16.11
CA GLY A 146 -11.61 40.50 16.41
C GLY A 146 -11.41 40.76 17.88
N LEU A 147 -10.62 41.78 18.19
CA LEU A 147 -10.25 42.11 19.54
C LEU A 147 -10.32 43.61 19.75
N LYS A 148 -10.41 44.05 21.01
CA LYS A 148 -10.10 45.43 21.33
C LYS A 148 -8.70 45.69 20.80
N PRO A 149 -8.43 46.92 20.35
CA PRO A 149 -7.05 47.19 19.92
C PRO A 149 -6.11 47.28 21.11
N PRO A 150 -4.79 47.37 20.86
CA PRO A 150 -3.85 47.41 21.97
C PRO A 150 -4.05 48.60 22.90
N HIS A 151 -4.57 49.70 22.38
CA HIS A 151 -4.77 50.83 23.25
C HIS A 151 -6.21 50.83 23.72
N VAL A 152 -6.43 50.15 24.84
CA VAL A 152 -7.61 50.33 25.65
C VAL A 152 -7.20 50.25 27.11
N ILE A 153 -6.70 49.09 27.51
N GLU A 157 -0.54 47.93 28.26
CA GLU A 157 0.74 47.24 28.09
C GLU A 157 0.58 45.72 28.01
N ALA A 158 -0.49 45.19 28.61
CA ALA A 158 -0.58 43.75 28.89
C ALA A 158 -1.32 42.89 27.85
N GLN A 159 -0.61 41.88 27.34
CA GLN A 159 -1.22 40.76 26.58
C GLN A 159 -0.74 39.44 27.20
N LYS A 160 -1.55 38.65 27.93
CA LYS A 160 -3.02 38.67 28.15
C LYS A 160 -3.89 38.33 26.93
N VAL A 161 -3.97 37.03 26.69
CA VAL A 161 -5.02 36.45 25.86
C VAL A 161 -6.38 36.85 26.40
N PRO A 162 -7.21 37.49 25.56
CA PRO A 162 -8.52 37.99 25.98
C PRO A 162 -9.41 36.89 26.42
N GLU A 163 -10.61 37.26 26.85
CA GLU A 163 -11.58 36.30 27.28
C GLU A 163 -12.70 36.28 26.32
N LEU A 164 -13.34 35.13 26.22
CA LEU A 164 -14.36 34.92 25.24
C LEU A 164 -15.41 36.00 25.25
N ARG A 165 -15.72 36.56 26.40
CA ARG A 165 -16.78 37.52 26.46
C ARG A 165 -16.33 38.84 25.86
N GLU A 166 -15.03 38.99 25.68
CA GLU A 166 -14.49 40.20 25.09
C GLU A 166 -14.28 40.05 23.58
N LEU A 167 -14.45 38.84 23.09
CA LEU A 167 -14.36 38.56 21.66
C LEU A 167 -15.66 38.81 20.92
N PHE A 168 -15.57 39.06 19.63
CA PHE A 168 -16.75 39.25 18.83
C PHE A 168 -16.49 38.83 17.41
N ILE A 169 -17.53 38.44 16.69
CA ILE A 169 -17.38 38.10 15.29
C ILE A 169 -17.87 39.21 14.37
N ASP A 170 -17.07 39.50 13.36
CA ASP A 170 -17.33 40.56 12.39
C ASP A 170 -17.72 39.95 11.03
N VAL A 171 -18.99 40.04 10.67
CA VAL A 171 -19.46 39.52 9.40
C VAL A 171 -19.64 40.58 8.34
N GLY A 172 -19.32 41.83 8.67
CA GLY A 172 -19.38 42.94 7.73
C GLY A 172 -20.69 43.70 7.73
N ALA A 173 -21.44 43.58 8.81
CA ALA A 173 -22.75 44.19 8.93
C ALA A 173 -22.71 45.35 9.87
N SER A 174 -23.58 46.33 9.64
CA SER A 174 -23.66 47.49 10.51
C SER A 174 -24.81 47.44 11.49
N SER A 175 -25.64 46.43 11.44
CA SER A 175 -26.78 46.41 12.35
C SER A 175 -27.26 45.01 12.66
N LYS A 176 -28.03 44.88 13.72
CA LYS A 176 -28.73 43.65 14.01
C LYS A 176 -29.69 43.36 12.85
N GLU A 177 -30.23 44.42 12.26
CA GLU A 177 -31.21 44.28 11.21
C GLU A 177 -30.58 43.66 10.00
N GLU A 178 -29.43 44.19 9.63
CA GLU A 178 -28.66 43.70 8.51
C GLU A 178 -28.22 42.27 8.74
N VAL A 179 -28.01 41.89 9.99
CA VAL A 179 -27.63 40.51 10.31
C VAL A 179 -28.78 39.58 10.10
N GLU A 180 -29.92 39.95 10.67
CA GLU A 180 -31.11 39.11 10.54
C GLU A 180 -31.42 38.95 9.09
N LYS A 181 -31.29 40.06 8.36
CA LYS A 181 -31.51 40.05 6.94
C LYS A 181 -30.52 39.12 6.23
N MET A 182 -29.40 38.81 6.87
CA MET A 182 -28.46 37.86 6.26
C MET A 182 -28.91 36.44 6.51
N GLY A 183 -29.90 36.29 7.37
CA GLY A 183 -30.44 34.97 7.67
C GLY A 183 -29.81 34.31 8.87
N ILE A 184 -28.86 35.00 9.50
CA ILE A 184 -28.18 34.41 10.63
C ILE A 184 -28.89 34.79 11.91
N ARG A 185 -29.16 33.77 12.73
CA ARG A 185 -29.89 33.92 13.97
C ARG A 185 -29.07 33.41 15.15
N VAL A 186 -29.38 33.86 16.34
CA VAL A 186 -28.81 33.28 17.54
C VAL A 186 -29.01 31.78 17.54
N GLY A 187 -27.97 31.02 17.84
CA GLY A 187 -28.05 29.58 17.76
C GLY A 187 -27.33 29.05 16.54
N ASP A 188 -27.05 29.92 15.59
CA ASP A 188 -26.27 29.52 14.44
C ASP A 188 -24.85 29.26 14.86
N ILE A 189 -24.23 28.25 14.28
CA ILE A 189 -22.91 27.85 14.70
C ILE A 189 -21.84 28.47 13.83
N ALA A 190 -20.66 28.69 14.38
CA ALA A 190 -19.54 29.08 13.58
C ALA A 190 -18.42 28.08 13.74
N VAL A 191 -17.49 28.05 12.79
CA VAL A 191 -16.48 27.02 12.71
C VAL A 191 -15.23 27.64 12.08
N PHE A 192 -14.05 27.13 12.37
CA PHE A 192 -12.81 27.67 11.80
C PHE A 192 -12.83 27.67 10.30
N ASP A 193 -12.42 28.75 9.66
CA ASP A 193 -12.32 28.71 8.23
C ASP A 193 -10.90 28.34 7.86
N ARG A 194 -10.71 27.07 7.57
CA ARG A 194 -9.47 26.54 7.06
C ARG A 194 -9.81 25.31 6.26
N GLU A 195 -9.13 25.11 5.14
CA GLU A 195 -9.31 23.93 4.32
C GLU A 195 -7.98 23.23 4.28
N VAL A 196 -7.97 21.95 3.95
CA VAL A 196 -6.72 21.20 3.97
C VAL A 196 -5.63 21.86 3.15
N ALA A 197 -4.43 21.88 3.71
CA ALA A 197 -3.25 22.26 2.99
C ALA A 197 -2.19 21.21 3.23
N GLU A 198 -1.22 21.11 2.35
CA GLU A 198 -0.22 20.08 2.43
C GLU A 198 1.04 20.64 3.04
N LEU A 199 1.57 19.98 4.06
CA LEU A 199 2.87 20.37 4.61
C LEU A 199 3.88 19.33 4.24
N GLY A 200 4.72 19.64 3.27
CA GLY A 200 5.59 18.64 2.70
C GLY A 200 4.86 17.44 2.13
N TRP A 201 5.55 16.31 2.07
CA TRP A 201 5.01 15.11 1.45
C TRP A 201 4.10 14.31 2.38
N ASN A 202 4.45 14.21 3.66
CA ASN A 202 3.70 13.32 4.56
C ASN A 202 2.61 13.89 5.43
N ARG A 203 2.52 15.21 5.53
CA ARG A 203 1.71 15.81 6.56
C ARG A 203 0.76 16.83 5.99
N ILE A 204 -0.31 17.11 6.73
CA ILE A 204 -1.34 18.04 6.29
C ILE A 204 -1.97 18.85 7.43
N THR A 205 -2.50 20.02 7.10
CA THR A 205 -3.18 20.88 8.06
C THR A 205 -4.63 21.01 7.75
N SER A 206 -5.47 21.03 8.76
CA SER A 206 -6.82 21.55 8.62
C SER A 206 -7.45 21.78 9.96
N LYS A 207 -8.65 22.34 9.95
CA LYS A 207 -9.53 22.33 11.10
C LYS A 207 -10.16 20.96 11.17
N ALA A 208 -10.72 20.62 12.32
CA ALA A 208 -11.55 19.43 12.47
C ALA A 208 -10.90 18.12 12.08
N PHE A 209 -9.60 17.97 12.31
CA PHE A 209 -9.05 16.65 12.15
C PHE A 209 -9.69 15.76 13.19
N ASP A 210 -9.84 16.25 14.42
CA ASP A 210 -10.57 15.53 15.45
C ASP A 210 -12.05 15.74 15.19
N ASP A 211 -12.82 14.68 14.94
CA ASP A 211 -12.31 13.34 14.64
C ASP A 211 -12.37 12.94 13.17
N ARG A 212 -12.74 13.85 12.27
CA ARG A 212 -12.95 13.49 10.88
C ARG A 212 -11.84 12.62 10.33
N VAL A 213 -10.64 12.83 10.81
CA VAL A 213 -9.54 11.97 10.51
C VAL A 213 -9.80 10.52 10.93
N GLY A 214 -10.51 10.32 12.03
CA GLY A 214 -10.80 8.98 12.48
C GLY A 214 -12.00 8.38 11.78
N VAL A 215 -12.92 9.21 11.32
CA VAL A 215 -13.97 8.71 10.47
C VAL A 215 -13.32 8.18 9.22
N VAL A 216 -12.47 9.01 8.63
CA VAL A 216 -11.77 8.64 7.42
C VAL A 216 -11.10 7.29 7.59
N VAL A 217 -10.27 7.14 8.61
CA VAL A 217 -9.59 5.90 8.91
C VAL A 217 -10.56 4.72 8.99
N MET A 218 -11.64 4.90 9.75
CA MET A 218 -12.69 3.89 9.85
C MET A 218 -13.26 3.53 8.50
N LEU A 219 -13.75 4.55 7.77
CA LEU A 219 -14.28 4.38 6.43
C LEU A 219 -13.36 3.69 5.46
N LYS A 220 -12.08 3.98 5.56
CA LYS A 220 -11.15 3.44 4.60
C LYS A 220 -10.65 2.07 5.01
N ALA A 221 -10.91 1.68 6.24
CA ALA A 221 -10.66 0.30 6.63
C ALA A 221 -11.85 -0.52 6.22
N LEU A 222 -12.97 0.16 6.02
CA LEU A 222 -14.19 -0.53 5.65
C LEU A 222 -14.07 -1.03 4.23
N GLU A 223 -13.34 -0.29 3.42
CA GLU A 223 -13.13 -0.69 2.03
C GLU A 223 -12.22 -1.90 1.96
N MET A 224 -11.10 -1.83 2.67
CA MET A 224 -10.09 -2.87 2.63
C MET A 224 -10.62 -4.19 3.17
N LEU A 225 -11.85 -4.17 3.67
CA LEU A 225 -12.35 -5.30 4.41
C LEU A 225 -12.83 -6.45 3.51
N GLU A 226 -12.17 -7.58 3.67
CA GLU A 226 -12.59 -8.89 3.15
C GLU A 226 -13.12 -9.63 4.35
N LYS A 227 -14.05 -10.55 4.16
CA LYS A 227 -14.91 -10.91 5.28
C LYS A 227 -14.15 -11.64 6.40
N HIS A 228 -14.94 -11.99 7.41
CA HIS A 228 -14.45 -12.11 8.77
C HIS A 228 -15.40 -12.99 9.52
N ASP A 229 -14.98 -13.55 10.63
CA ASP A 229 -15.88 -14.40 11.38
C ASP A 229 -16.99 -13.62 12.03
N VAL A 230 -16.66 -12.44 12.49
CA VAL A 230 -17.47 -11.77 13.49
C VAL A 230 -18.28 -10.65 12.90
N ASP A 231 -19.43 -10.38 13.50
CA ASP A 231 -20.26 -9.27 13.06
C ASP A 231 -19.63 -7.93 13.39
N VAL A 232 -19.63 -7.03 12.41
CA VAL A 232 -19.00 -5.72 12.58
C VAL A 232 -19.99 -4.58 12.52
N TYR A 233 -20.02 -3.77 13.56
CA TYR A 233 -20.81 -2.55 13.52
C TYR A 233 -19.88 -1.35 13.34
N LEU A 234 -20.09 -0.60 12.27
CA LEU A 234 -19.30 0.58 12.01
C LEU A 234 -20.10 1.82 12.36
N VAL A 235 -19.63 2.59 13.33
CA VAL A 235 -20.43 3.68 13.88
C VAL A 235 -19.74 5.03 13.86
N ALA A 236 -20.35 5.99 13.17
CA ALA A 236 -19.86 7.37 13.12
C ALA A 236 -20.71 8.19 14.05
N THR A 237 -20.14 8.62 15.17
CA THR A 237 -20.98 9.11 16.27
C THR A 237 -21.13 10.62 16.34
N VAL A 238 -21.97 11.08 17.26
CA VAL A 238 -22.27 12.50 17.43
C VAL A 238 -21.90 13.00 18.82
N GLN A 239 -21.66 14.30 18.94
CA GLN A 239 -21.53 14.97 20.23
C GLN A 239 -20.49 14.34 21.18
N GLU A 240 -19.29 14.06 20.67
CA GLU A 240 -18.20 13.57 21.51
C GLU A 240 -17.43 14.69 22.22
N GLU A 241 -17.22 15.81 21.53
CA GLU A 241 -16.47 16.92 22.10
C GLU A 241 -17.19 17.51 23.31
N VAL A 242 -18.50 17.31 23.33
CA VAL A 242 -19.38 17.71 24.43
C VAL A 242 -19.45 16.57 25.47
N GLY A 243 -18.46 15.70 25.42
CA GLY A 243 -18.32 14.61 26.37
C GLY A 243 -19.00 13.27 26.14
N LEU A 244 -18.77 12.70 24.96
CA LEU A 244 -19.01 11.29 24.65
C LEU A 244 -20.47 10.87 24.67
N LYS A 245 -21.35 11.80 24.32
CA LYS A 245 -22.78 11.56 24.44
C LYS A 245 -23.28 10.53 23.43
N GLY A 246 -22.92 10.71 22.17
CA GLY A 246 -23.40 9.83 21.11
C GLY A 246 -22.90 8.40 21.23
N ALA A 247 -21.67 8.24 21.69
CA ALA A 247 -21.07 6.92 21.86
C ALA A 247 -21.69 6.18 23.02
N LYS A 248 -22.22 6.92 23.98
CA LYS A 248 -22.89 6.32 25.12
C LYS A 248 -24.16 5.61 24.67
N THR A 249 -24.98 6.32 23.89
CA THR A 249 -26.30 5.82 23.52
C THR A 249 -26.25 4.83 22.37
N SER A 250 -25.35 5.08 21.43
CA SER A 250 -25.26 4.23 20.25
C SER A 250 -24.95 2.81 20.62
N ALA A 251 -24.05 2.66 21.57
CA ALA A 251 -23.56 1.35 21.97
C ALA A 251 -24.57 0.56 22.77
N TYR A 252 -25.51 1.25 23.41
CA TYR A 252 -26.49 0.60 24.30
C TYR A 252 -27.38 -0.37 23.56
N GLY A 253 -27.81 0.02 22.36
CA GLY A 253 -28.73 -0.78 21.57
C GLY A 253 -28.06 -1.86 20.76
N ILE A 254 -26.75 -1.75 20.60
CA ILE A 254 -26.01 -2.64 19.72
C ILE A 254 -25.40 -3.80 20.48
N SER A 255 -25.57 -3.78 21.80
CA SER A 255 -24.45 -4.01 22.72
C SER A 255 -23.55 -5.13 22.24
N PRO A 256 -22.31 -4.78 21.88
CA PRO A 256 -21.34 -5.70 21.35
C PRO A 256 -20.43 -6.26 22.44
N ASP A 257 -19.58 -7.19 22.05
CA ASP A 257 -18.70 -7.79 23.01
C ASP A 257 -17.48 -6.92 23.20
N VAL A 258 -16.96 -6.43 22.09
CA VAL A 258 -15.69 -5.74 22.05
C VAL A 258 -15.82 -4.50 21.17
N ALA A 259 -15.49 -3.34 21.71
CA ALA A 259 -15.65 -2.11 20.94
C ALA A 259 -14.28 -1.50 20.68
N LEU A 260 -14.18 -0.71 19.60
CA LEU A 260 -12.94 -0.02 19.28
C LEU A 260 -13.18 1.44 18.93
N ALA A 261 -12.53 2.34 19.68
CA ALA A 261 -12.61 3.76 19.39
C ALA A 261 -11.45 4.19 18.49
N ILE A 262 -11.71 5.12 17.59
CA ILE A 262 -10.67 5.74 16.80
C ILE A 262 -10.78 7.23 16.99
N ASP A 263 -9.79 7.84 17.62
CA ASP A 263 -9.81 9.26 17.93
C ASP A 263 -8.43 9.78 17.66
N VAL A 264 -8.26 11.10 17.66
CA VAL A 264 -6.93 11.66 17.66
C VAL A 264 -6.36 11.68 19.06
N THR A 265 -5.04 11.72 19.14
CA THR A 265 -4.42 11.90 20.43
C THR A 265 -3.29 12.91 20.30
N ILE A 266 -2.97 13.54 21.43
CA ILE A 266 -1.96 14.57 21.52
C ILE A 266 -0.59 14.09 21.07
N ALA A 267 0.05 14.91 20.23
CA ALA A 267 1.47 14.79 19.92
C ALA A 267 2.19 16.10 20.20
N SER A 268 3.07 16.10 21.19
CA SER A 268 3.83 17.29 21.62
C SER A 268 5.22 17.40 21.06
N ASP A 269 5.56 16.60 20.05
CA ASP A 269 6.93 16.51 19.55
C ASP A 269 7.44 17.81 18.89
N VAL A 270 6.73 18.89 19.14
CA VAL A 270 7.21 20.26 18.90
C VAL A 270 8.42 20.72 19.77
N PRO A 271 9.04 21.86 19.41
CA PRO A 271 10.13 22.48 20.17
C PRO A 271 9.78 23.07 21.51
N GLY A 272 10.74 23.08 22.42
CA GLY A 272 10.53 23.60 23.76
C GLY A 272 9.79 22.66 24.68
N VAL A 273 9.65 21.43 24.22
CA VAL A 273 9.05 20.38 25.01
C VAL A 273 10.04 19.25 25.08
N ALA A 274 10.16 18.66 26.26
CA ALA A 274 11.06 17.56 26.49
C ALA A 274 10.49 16.28 25.94
N LYS A 275 11.37 15.35 25.59
CA LYS A 275 10.98 14.11 24.95
C LYS A 275 10.09 13.27 25.86
N SER A 276 10.05 13.59 27.14
CA SER A 276 9.21 12.84 28.05
C SER A 276 7.78 13.29 27.99
N GLU A 277 7.57 14.52 27.52
CA GLU A 277 6.24 15.06 27.41
C GLU A 277 5.63 15.08 26.00
N TRP A 278 6.34 14.53 25.02
CA TRP A 278 5.80 14.43 23.67
C TRP A 278 4.51 13.62 23.58
N PHE A 279 4.51 12.48 24.26
CA PHE A 279 3.44 11.48 24.33
C PHE A 279 3.26 10.66 23.07
N THR A 280 3.53 11.23 21.90
CA THR A 280 3.49 10.51 20.62
C THR A 280 4.30 11.29 19.63
N ARG A 281 4.64 10.70 18.50
CA ARG A 281 5.34 11.44 17.48
C ARG A 281 4.59 11.31 16.17
N LEU A 282 4.56 12.36 15.36
CA LEU A 282 3.95 12.24 14.04
C LEU A 282 4.76 11.31 13.16
N GLY A 283 4.07 10.39 12.51
CA GLY A 283 4.71 9.51 11.54
C GLY A 283 5.29 8.27 12.17
N TYR A 284 5.06 8.07 13.46
CA TYR A 284 5.53 6.89 14.14
C TYR A 284 4.47 5.81 14.32
N GLY A 285 3.28 6.05 13.77
CA GLY A 285 2.27 5.02 13.74
C GLY A 285 1.16 5.30 14.72
N PRO A 286 0.02 4.66 14.52
CA PRO A 286 -1.11 4.86 15.41
C PRO A 286 -0.74 4.51 16.83
N ALA A 287 -1.48 5.05 17.78
CA ALA A 287 -1.20 4.82 19.17
C ALA A 287 -2.25 3.95 19.78
N ILE A 288 -1.84 2.73 20.10
CA ILE A 288 -2.66 1.84 20.89
C ILE A 288 -2.73 2.33 22.31
N LYS A 289 -3.93 2.55 22.82
CA LYS A 289 -4.09 3.22 24.10
C LYS A 289 -4.01 2.30 25.28
N ILE A 290 -3.04 2.53 26.16
CA ILE A 290 -3.08 1.93 27.49
C ILE A 290 -3.87 2.72 28.55
N VAL A 291 -3.67 4.03 28.59
CA VAL A 291 -4.37 4.89 29.56
C VAL A 291 -4.49 6.36 29.10
N ASP A 292 -5.60 7.02 29.44
CA ASP A 292 -5.74 8.44 29.12
C ASP A 292 -6.54 9.24 30.16
N GLY A 293 -6.18 10.51 30.31
CA GLY A 293 -6.92 11.50 31.08
C GLY A 293 -6.73 11.54 32.59
N ARG A 294 -7.11 12.66 33.20
CA ARG A 294 -7.80 12.70 34.49
C ARG A 294 -7.29 11.78 35.62
N ASN A 295 -5.99 11.78 35.92
CA ASN A 295 -5.46 10.82 36.90
C ASN A 295 -5.85 9.38 36.54
N ALA A 296 -5.54 8.97 35.31
CA ALA A 296 -6.24 7.89 34.62
C ALA A 296 -7.74 8.23 34.55
N GLY A 297 -8.62 7.26 34.73
CA GLY A 297 -10.02 7.61 34.93
C GLY A 297 -10.84 7.98 33.70
N GLY A 298 -10.21 8.40 32.62
CA GLY A 298 -10.92 8.45 31.35
C GLY A 298 -11.15 7.07 30.80
N LEU A 299 -10.05 6.40 30.43
CA LEU A 299 -10.07 4.98 30.15
C LEU A 299 -8.74 4.33 30.49
N ILE A 300 -8.79 3.21 31.20
CA ILE A 300 -7.67 2.29 31.16
C ILE A 300 -8.18 1.12 30.32
N ALA A 301 -7.68 1.02 29.10
CA ALA A 301 -8.23 0.13 28.10
C ALA A 301 -8.15 -1.31 28.55
N HIS A 302 -9.11 -2.13 28.13
CA HIS A 302 -9.11 -3.55 28.51
C HIS A 302 -7.82 -4.16 28.02
N PRO A 303 -7.00 -4.65 28.95
CA PRO A 303 -5.64 -5.11 28.60
C PRO A 303 -5.64 -6.18 27.53
N LYS A 304 -6.69 -6.99 27.50
CA LYS A 304 -6.75 -8.10 26.58
C LYS A 304 -7.00 -7.61 25.16
N VAL A 305 -7.79 -6.54 25.03
CA VAL A 305 -7.94 -5.88 23.74
C VAL A 305 -6.69 -5.10 23.40
N GLY A 306 -6.06 -4.55 24.42
CA GLY A 306 -4.82 -3.82 24.26
C GLY A 306 -3.74 -4.77 23.82
N GLU A 307 -3.63 -5.88 24.53
CA GLU A 307 -2.65 -6.91 24.21
C GLU A 307 -2.83 -7.41 22.79
N PHE A 308 -4.08 -7.64 22.43
CA PHE A 308 -4.46 -8.12 21.11
C PHE A 308 -3.96 -7.19 20.04
N LEU A 309 -4.34 -5.93 20.15
CA LEU A 309 -3.96 -4.93 19.18
C LEU A 309 -2.46 -4.88 18.96
N VAL A 310 -1.70 -4.99 20.04
CA VAL A 310 -0.25 -4.91 19.94
C VAL A 310 0.33 -6.09 19.18
N SER A 311 0.01 -7.30 19.63
CA SER A 311 0.52 -8.51 19.00
C SER A 311 0.16 -8.58 17.52
N ILE A 312 -1.02 -8.12 17.16
CA ILE A 312 -1.42 -8.05 15.76
C ILE A 312 -0.54 -7.12 14.98
N ALA A 313 -0.41 -5.91 15.48
CA ALA A 313 0.39 -4.89 14.81
C ALA A 313 1.80 -5.39 14.62
N GLU A 314 2.31 -5.99 15.68
CA GLU A 314 3.67 -6.49 15.71
C GLU A 314 3.89 -7.54 14.64
N LYS A 315 3.10 -8.60 14.72
CA LYS A 315 3.20 -9.73 13.81
C LYS A 315 2.97 -9.27 12.37
N LYS A 316 2.15 -8.24 12.19
CA LYS A 316 1.87 -7.71 10.86
C LYS A 316 2.81 -6.56 10.54
N ARG A 317 3.77 -6.33 11.42
CA ARG A 317 4.81 -5.31 11.24
C ARG A 317 4.22 -3.98 10.83
N ILE A 318 3.16 -3.60 11.53
CA ILE A 318 2.60 -2.28 11.42
C ILE A 318 3.24 -1.43 12.50
N PRO A 319 3.71 -0.23 12.16
CA PRO A 319 4.39 0.53 13.21
C PRO A 319 3.36 1.10 14.14
N TYR A 320 3.66 1.21 15.42
CA TYR A 320 2.65 1.65 16.35
C TYR A 320 3.28 2.31 17.54
N GLN A 321 2.46 3.01 18.30
CA GLN A 321 2.92 3.64 19.50
C GLN A 321 2.02 3.28 20.65
N LEU A 322 2.53 3.40 21.86
CA LEU A 322 1.71 3.19 23.04
C LEU A 322 1.18 4.52 23.56
N ASP A 323 -0.13 4.65 23.66
CA ASP A 323 -0.71 5.89 24.13
C ASP A 323 -0.90 5.79 25.64
N VAL A 324 -0.03 6.48 26.37
CA VAL A 324 -0.11 6.60 27.81
C VAL A 324 -0.19 8.07 28.07
N ILE A 325 -1.34 8.59 28.48
CA ILE A 325 -1.48 10.04 28.52
C ILE A 325 -2.18 10.52 29.80
N SER A 326 -1.82 11.73 30.22
CA SER A 326 -2.37 12.35 31.44
C SER A 326 -3.50 13.34 31.19
N GLY A 327 -3.93 13.49 29.94
CA GLY A 327 -5.07 14.35 29.65
C GLY A 327 -5.86 13.92 28.44
N GLY A 328 -7.12 14.32 28.38
CA GLY A 328 -7.98 13.97 27.26
C GLY A 328 -8.56 12.57 27.33
N THR A 329 -9.66 12.35 26.61
CA THR A 329 -10.30 11.03 26.56
C THR A 329 -11.12 10.87 25.27
N THR A 330 -11.40 9.62 24.90
CA THR A 330 -12.13 9.33 23.68
C THR A 330 -13.47 8.62 23.98
N ASP A 331 -14.16 8.23 22.91
CA ASP A 331 -15.45 7.52 22.99
C ASP A 331 -15.40 6.32 23.92
N ALA A 332 -14.25 5.65 23.93
CA ALA A 332 -14.11 4.37 24.64
C ALA A 332 -14.24 4.49 26.15
N SER A 333 -14.23 5.71 26.66
CA SER A 333 -14.40 5.91 28.09
C SER A 333 -15.78 5.43 28.54
N THR A 334 -16.82 5.84 27.83
CA THR A 334 -18.17 5.45 28.19
C THR A 334 -18.66 4.17 27.51
N ILE A 335 -17.94 3.69 26.50
CA ILE A 335 -18.30 2.45 25.82
C ILE A 335 -17.99 1.27 26.70
N ALA A 336 -16.77 1.28 27.25
CA ALA A 336 -16.30 0.27 28.18
C ALA A 336 -17.15 0.25 29.44
N LEU A 337 -17.96 1.28 29.63
CA LEU A 337 -18.86 1.39 30.77
C LEU A 337 -20.27 0.88 30.46
N ASN A 338 -20.48 0.32 29.27
CA ASN A 338 -21.82 -0.04 28.86
C ASN A 338 -22.32 -1.38 29.38
N LYS A 339 -23.44 -1.34 30.09
CA LYS A 339 -24.11 -2.52 30.63
C LYS A 339 -23.20 -3.36 31.55
N GLU A 340 -23.00 -4.64 31.23
CA GLU A 340 -22.11 -5.49 32.01
C GLU A 340 -20.65 -5.12 31.78
N GLY A 341 -20.43 -4.22 30.85
CA GLY A 341 -19.09 -3.85 30.42
C GLY A 341 -18.83 -4.35 29.02
N VAL A 342 -17.96 -3.61 28.33
CA VAL A 342 -17.57 -3.90 26.97
C VAL A 342 -16.07 -3.82 26.86
N ALA A 343 -15.43 -4.91 26.47
CA ALA A 343 -14.00 -4.86 26.29
C ALA A 343 -13.74 -3.80 25.24
N ALA A 344 -12.89 -2.84 25.56
CA ALA A 344 -12.72 -1.67 24.70
C ALA A 344 -11.29 -1.18 24.69
N GLY A 345 -10.89 -0.63 23.56
CA GLY A 345 -9.56 -0.11 23.38
C GLY A 345 -9.63 1.05 22.41
N THR A 346 -8.49 1.68 22.14
CA THR A 346 -8.44 2.80 21.22
C THR A 346 -7.25 2.78 20.31
N ILE A 347 -7.52 2.91 19.02
CA ILE A 347 -6.51 3.27 18.04
C ILE A 347 -6.56 4.77 17.88
N SER A 348 -5.53 5.49 18.30
CA SER A 348 -5.56 6.94 18.22
C SER A 348 -4.56 7.45 17.21
N ILE A 349 -4.89 8.47 16.45
CA ILE A 349 -3.91 8.98 15.48
C ILE A 349 -3.27 10.27 16.00
N PRO A 350 -1.93 10.33 15.98
CA PRO A 350 -1.18 11.46 16.52
C PRO A 350 -1.52 12.75 15.81
N SER A 351 -1.74 13.81 16.57
CA SER A 351 -2.08 15.09 16.00
C SER A 351 -1.46 16.21 16.77
N ARG A 352 -0.83 17.14 16.07
CA ARG A 352 -0.26 18.33 16.65
C ARG A 352 -1.25 19.46 16.70
N TYR A 353 -1.20 20.26 17.75
CA TYR A 353 -2.05 21.43 17.89
C TYR A 353 -3.50 21.07 17.82
N ILE A 354 -3.91 20.06 18.56
CA ILE A 354 -5.30 19.64 18.57
C ILE A 354 -6.18 20.78 19.04
N HIS A 355 -7.38 20.85 18.48
CA HIS A 355 -8.37 21.85 18.78
C HIS A 355 -7.99 23.23 18.36
N SER A 356 -7.33 23.33 17.21
CA SER A 356 -7.02 24.61 16.64
C SER A 356 -7.49 24.57 15.20
N PRO A 357 -7.40 25.69 14.47
CA PRO A 357 -7.64 25.64 13.03
C PRO A 357 -6.49 24.98 12.31
N VAL A 358 -5.40 24.90 13.05
CA VAL A 358 -4.08 24.61 12.57
C VAL A 358 -3.55 23.17 12.84
N GLU A 359 -4.42 22.27 13.26
CA GLU A 359 -4.02 20.90 13.56
C GLU A 359 -3.20 20.24 12.46
N VAL A 360 -2.24 19.41 12.83
CA VAL A 360 -1.39 18.69 11.87
C VAL A 360 -1.42 17.17 12.06
N VAL A 361 -1.55 16.45 10.96
CA VAL A 361 -1.66 15.00 11.00
C VAL A 361 -0.67 14.42 10.01
N ASP A 362 -0.16 13.22 10.27
CA ASP A 362 0.75 12.56 9.34
C ASP A 362 0.06 11.40 8.65
N LEU A 363 -0.04 11.47 7.31
CA LEU A 363 -0.79 10.51 6.50
C LEU A 363 -0.40 9.05 6.67
N ARG A 364 0.85 8.78 6.99
CA ARG A 364 1.27 7.43 7.31
C ARG A 364 0.57 6.93 8.55
N ASP A 365 0.41 7.79 9.54
CA ASP A 365 -0.28 7.38 10.75
C ASP A 365 -1.69 7.02 10.43
N LEU A 366 -2.24 7.60 9.38
CA LEU A 366 -3.61 7.30 9.03
C LEU A 366 -3.66 6.01 8.24
N TYR A 367 -2.70 5.81 7.35
CA TYR A 367 -2.66 4.58 6.59
C TYR A 367 -2.52 3.39 7.52
N ASN A 368 -1.49 3.39 8.36
CA ASN A 368 -1.30 2.29 9.27
C ASN A 368 -2.44 2.19 10.27
N ALA A 369 -3.21 3.25 10.39
CA ALA A 369 -4.31 3.22 11.31
C ALA A 369 -5.37 2.34 10.73
N SER A 370 -5.63 2.49 9.44
CA SER A 370 -6.64 1.70 8.77
C SER A 370 -6.22 0.24 8.71
N LEU A 371 -4.92 0.01 8.54
CA LEU A 371 -4.43 -1.35 8.49
C LEU A 371 -4.63 -2.06 9.81
N LEU A 372 -4.24 -1.42 10.89
CA LEU A 372 -4.43 -2.00 12.20
C LEU A 372 -5.90 -2.16 12.55
N ALA A 373 -6.76 -1.35 11.96
CA ALA A 373 -8.18 -1.54 12.17
C ALA A 373 -8.67 -2.75 11.38
N LYS A 374 -8.35 -2.78 10.09
CA LYS A 374 -8.72 -3.90 9.23
C LYS A 374 -8.29 -5.22 9.86
N ALA A 375 -7.04 -5.30 10.27
CA ALA A 375 -6.53 -6.50 10.89
C ALA A 375 -7.35 -6.88 12.10
N PHE A 376 -7.58 -5.94 12.98
CA PHE A 376 -8.28 -6.22 14.22
C PHE A 376 -9.60 -6.91 13.97
N ILE A 377 -10.33 -6.41 12.98
CA ILE A 377 -11.61 -7.00 12.67
C ILE A 377 -11.43 -8.38 12.02
N GLU A 378 -10.51 -8.45 11.06
CA GLU A 378 -10.23 -9.69 10.36
C GLU A 378 -9.71 -10.75 11.30
N GLU A 379 -8.76 -10.39 12.15
CA GLU A 379 -8.14 -11.36 13.04
C GLU A 379 -9.01 -11.68 14.23
N ALA A 380 -10.11 -10.96 14.40
CA ALA A 380 -10.99 -11.28 15.52
C ALA A 380 -11.72 -12.58 15.23
N THR A 381 -11.89 -13.39 16.27
CA THR A 381 -12.51 -14.70 16.18
C THR A 381 -13.51 -14.90 17.32
N PRO A 382 -14.55 -15.70 17.08
CA PRO A 382 -15.52 -15.98 18.14
C PRO A 382 -14.88 -16.62 19.37
N GLU A 383 -13.81 -17.38 19.19
CA GLU A 383 -13.19 -18.05 20.32
C GLU A 383 -12.41 -17.06 21.17
N TRP A 384 -11.68 -16.16 20.51
CA TRP A 384 -10.90 -15.17 21.24
C TRP A 384 -11.78 -14.23 22.03
N ILE A 385 -12.91 -13.88 21.43
CA ILE A 385 -13.90 -13.03 22.04
C ILE A 385 -14.35 -13.63 23.35
N GLN A 386 -14.09 -14.91 23.54
CA GLN A 386 -14.22 -15.48 24.86
C GLN A 386 -12.83 -15.60 25.48
N SER A 387 -12.53 -14.66 26.35
CA SER A 387 -11.67 -14.94 27.50
C SER A 387 -12.35 -14.11 28.59
N ILE A 388 -12.09 -12.80 28.57
CA ILE A 388 -13.08 -11.83 28.16
C ILE A 388 -14.52 -12.28 28.47
N LYS A 389 -14.99 -12.04 29.70
CA LYS A 389 -16.22 -12.58 30.29
C LYS A 389 -15.96 -13.82 31.14
N GLY A 390 -14.70 -14.20 31.28
CA GLY A 390 -14.34 -14.63 32.61
C GLY A 390 -14.80 -15.90 33.28
N VAL A 391 -14.23 -17.03 32.92
CA VAL A 391 -14.21 -18.17 33.86
C VAL A 391 -15.61 -18.65 34.32
N VAL A 392 -16.10 -18.26 35.50
CA VAL A 392 -17.03 -19.04 36.35
C VAL A 392 -16.32 -20.16 37.05
N ILE A 393 -15.65 -19.78 38.13
CA ILE A 393 -15.04 -20.69 39.08
C ILE A 393 -16.01 -21.57 39.85
N LYS A 394 -17.01 -20.97 40.48
CA LYS A 394 -18.02 -21.68 41.29
C LYS A 394 -17.45 -22.60 42.37
N GLU B 30 -1.63 -5.99 3.30
CA GLU B 30 -1.57 -7.44 3.10
C GLU B 30 -1.07 -7.76 1.70
N TRP B 31 -0.52 -6.75 1.03
CA TRP B 31 0.12 -6.85 -0.29
C TRP B 31 1.18 -7.94 -0.38
N ARG B 32 1.89 -8.16 0.72
CA ARG B 32 3.01 -9.09 0.74
C ARG B 32 2.57 -10.47 0.35
N GLY B 33 1.55 -10.98 1.02
CA GLY B 33 1.13 -12.35 0.83
C GLY B 33 0.63 -12.64 -0.56
N GLN B 34 -0.02 -11.68 -1.19
CA GLN B 34 -0.57 -11.89 -2.52
C GLN B 34 0.56 -11.90 -3.56
N TYR B 35 1.62 -11.16 -3.26
CA TYR B 35 2.83 -11.21 -4.06
C TYR B 35 3.48 -12.58 -3.93
N ILE B 36 3.65 -13.04 -2.70
CA ILE B 36 4.30 -14.32 -2.47
C ILE B 36 3.57 -15.47 -3.13
N GLU B 37 2.25 -15.42 -3.10
CA GLU B 37 1.50 -16.57 -3.58
C GLU B 37 1.39 -16.56 -5.07
N LEU B 38 1.56 -15.40 -5.69
CA LEU B 38 1.57 -15.39 -7.13
C LEU B 38 2.88 -16.01 -7.58
N ILE B 39 3.91 -15.70 -6.83
CA ILE B 39 5.25 -16.13 -7.14
C ILE B 39 5.36 -17.62 -7.00
N LYS B 40 4.80 -18.18 -5.94
CA LYS B 40 4.80 -19.61 -5.75
C LYS B 40 4.11 -20.27 -6.93
N LYS B 41 3.01 -19.67 -7.37
CA LYS B 41 2.26 -20.21 -8.48
C LYS B 41 3.12 -20.23 -9.73
N LEU B 42 3.82 -19.14 -9.99
CA LEU B 42 4.61 -19.02 -11.21
C LEU B 42 6.00 -19.68 -11.19
N THR B 43 6.65 -19.73 -10.04
CA THR B 43 8.02 -20.27 -9.97
C THR B 43 8.06 -21.76 -9.79
N SER B 44 6.92 -22.35 -9.48
CA SER B 44 6.84 -23.78 -9.31
C SER B 44 6.41 -24.37 -10.63
N LEU B 45 6.20 -23.51 -11.60
CA LEU B 45 5.97 -23.98 -12.94
C LEU B 45 7.34 -24.10 -13.56
N HIS B 46 7.61 -25.26 -14.14
CA HIS B 46 8.93 -25.51 -14.65
C HIS B 46 8.90 -25.35 -16.16
N ALA B 47 9.43 -24.21 -16.59
CA ALA B 47 9.31 -23.79 -17.97
C ALA B 47 10.55 -23.02 -18.40
N PRO B 48 11.65 -23.74 -18.67
CA PRO B 48 12.88 -23.18 -19.21
C PRO B 48 12.72 -22.92 -20.68
N SER B 49 13.63 -22.16 -21.28
CA SER B 49 13.46 -21.65 -22.63
C SER B 49 13.03 -22.70 -23.65
N GLY B 50 12.04 -22.34 -24.46
CA GLY B 50 11.50 -23.20 -25.50
C GLY B 50 10.36 -24.06 -25.01
N ARG B 51 10.36 -24.34 -23.72
CA ARG B 51 9.31 -25.12 -23.06
C ARG B 51 8.30 -24.34 -22.23
N GLU B 52 8.31 -23.01 -22.35
CA GLU B 52 7.57 -22.13 -21.44
C GLU B 52 6.06 -22.36 -21.27
N ASP B 53 5.49 -23.26 -22.06
CA ASP B 53 4.05 -23.47 -22.11
C ASP B 53 3.26 -23.50 -20.79
N PRO B 54 3.80 -24.12 -19.72
CA PRO B 54 3.02 -24.10 -18.48
C PRO B 54 2.76 -22.68 -17.97
N VAL B 55 3.81 -21.89 -17.94
CA VAL B 55 3.73 -20.51 -17.52
C VAL B 55 2.94 -19.70 -18.53
N LYS B 56 3.19 -19.95 -19.82
CA LYS B 56 2.49 -19.28 -20.90
C LYS B 56 0.99 -19.37 -20.70
N ASP B 57 0.54 -20.54 -20.28
CA ASP B 57 -0.88 -20.76 -20.00
C ASP B 57 -1.40 -19.80 -18.95
N LEU B 58 -0.94 -19.97 -17.73
CA LEU B 58 -1.42 -19.18 -16.60
C LEU B 58 -1.34 -17.66 -16.83
N VAL B 59 -0.28 -17.20 -17.49
CA VAL B 59 -0.08 -15.78 -17.65
C VAL B 59 -1.21 -15.20 -18.46
N ALA B 60 -1.62 -15.97 -19.46
CA ALA B 60 -2.76 -15.59 -20.28
C ALA B 60 -3.97 -15.37 -19.38
N GLU B 61 -4.29 -16.38 -18.59
CA GLU B 61 -5.51 -16.32 -17.81
C GLU B 61 -5.43 -15.23 -16.75
N LEU B 62 -4.26 -14.96 -16.22
CA LEU B 62 -4.18 -13.93 -15.21
C LEU B 62 -4.21 -12.56 -15.86
N MET B 63 -3.94 -12.52 -17.16
CA MET B 63 -3.91 -11.23 -17.82
C MET B 63 -5.35 -10.86 -18.13
N LYS B 64 -5.93 -11.47 -19.15
CA LYS B 64 -7.38 -11.67 -19.25
C LYS B 64 -8.23 -10.45 -18.92
N SER B 65 -8.93 -10.56 -17.79
CA SER B 65 -9.86 -9.55 -17.36
C SER B 65 -9.30 -8.12 -17.31
N HIS B 66 -7.99 -7.95 -17.34
CA HIS B 66 -7.49 -6.61 -17.29
C HIS B 66 -7.12 -6.05 -18.65
N VAL B 67 -7.24 -6.86 -19.69
CA VAL B 67 -6.88 -6.38 -21.01
C VAL B 67 -8.08 -6.34 -21.93
N ASP B 68 -8.01 -5.47 -22.93
CA ASP B 68 -9.07 -5.35 -23.92
C ASP B 68 -8.93 -6.47 -24.93
N LYS B 69 -7.86 -6.45 -25.72
CA LYS B 69 -7.55 -7.58 -26.58
C LYS B 69 -6.44 -8.42 -25.92
N LEU B 70 -6.44 -9.74 -26.16
CA LEU B 70 -5.37 -10.60 -25.64
C LEU B 70 -5.05 -11.77 -26.57
N TRP B 71 -3.77 -12.07 -26.77
CA TRP B 71 -3.41 -13.20 -27.62
C TRP B 71 -2.01 -13.77 -27.39
N ILE B 72 -1.79 -14.94 -27.95
CA ILE B 72 -0.51 -15.63 -27.88
C ILE B 72 0.20 -15.62 -29.23
N ASP B 73 1.48 -15.29 -29.22
CA ASP B 73 2.27 -15.14 -30.44
C ASP B 73 2.52 -16.49 -31.07
N VAL B 74 3.22 -16.49 -32.20
CA VAL B 74 3.61 -17.73 -32.84
C VAL B 74 4.73 -18.37 -32.05
N TRP B 75 5.52 -17.55 -31.37
CA TRP B 75 6.59 -18.10 -30.55
C TRP B 75 6.12 -18.24 -29.14
N GLY B 76 4.84 -17.93 -28.92
CA GLY B 76 4.22 -18.15 -27.64
C GLY B 76 4.34 -16.98 -26.71
N ASN B 77 4.65 -15.79 -27.24
CA ASN B 77 4.63 -14.60 -26.44
C ASN B 77 3.21 -14.27 -26.05
N VAL B 78 2.92 -14.17 -24.77
CA VAL B 78 1.59 -13.74 -24.37
C VAL B 78 1.48 -12.23 -24.53
N VAL B 79 0.50 -11.78 -25.31
CA VAL B 79 0.33 -10.35 -25.52
C VAL B 79 -1.03 -9.82 -25.08
N GLY B 80 -1.06 -9.01 -24.03
CA GLY B 80 -2.26 -8.34 -23.63
C GLY B 80 -2.31 -6.95 -24.21
N TYR B 81 -3.51 -6.42 -24.44
CA TYR B 81 -3.66 -5.08 -24.98
C TYR B 81 -4.65 -4.25 -24.20
N ARG B 82 -4.25 -3.03 -23.90
CA ARG B 82 -5.15 -2.12 -23.23
C ARG B 82 -5.21 -0.82 -24.03
N LYS B 83 -6.39 -0.54 -24.57
CA LYS B 83 -6.63 0.73 -25.19
C LYS B 83 -6.87 1.71 -24.09
N GLY B 84 -6.07 2.76 -24.05
CA GLY B 84 -6.31 3.85 -23.14
C GLY B 84 -6.92 5.00 -23.90
N SER B 85 -7.48 5.95 -23.17
CA SER B 85 -8.23 7.00 -23.84
C SER B 85 -7.30 8.07 -24.32
N LYS B 86 -7.13 8.15 -25.63
CA LYS B 86 -6.70 9.30 -26.45
C LYS B 86 -6.35 8.65 -27.77
N GLY B 87 -6.03 9.44 -28.80
CA GLY B 87 -5.53 8.90 -30.05
C GLY B 87 -4.14 8.37 -29.82
N SER B 88 -3.38 9.13 -29.04
CA SER B 88 -2.18 8.63 -28.37
C SER B 88 -1.13 7.94 -29.20
N GLY B 89 -0.64 6.83 -28.66
CA GLY B 89 0.54 6.15 -29.15
C GLY B 89 0.63 4.78 -28.50
N LYS B 90 1.82 4.19 -28.54
CA LYS B 90 1.98 2.82 -28.05
C LYS B 90 3.17 2.68 -27.11
N ILE B 91 2.91 2.13 -25.94
CA ILE B 91 3.98 1.73 -25.02
C ILE B 91 3.89 0.24 -24.75
N MET B 92 5.05 -0.41 -24.69
CA MET B 92 5.13 -1.85 -24.44
C MET B 92 5.84 -2.17 -23.12
N ILE B 93 5.30 -3.13 -22.38
CA ILE B 93 5.98 -3.61 -21.19
C ILE B 93 6.34 -5.09 -21.35
N ALA B 94 7.58 -5.47 -21.04
CA ALA B 94 8.02 -6.82 -21.34
C ALA B 94 8.80 -7.52 -20.22
N ALA B 95 8.38 -8.74 -19.92
CA ALA B 95 9.05 -9.59 -18.94
C ALA B 95 9.12 -10.99 -19.51
N HIS B 96 10.22 -11.71 -19.26
CA HIS B 96 10.37 -13.02 -19.89
C HIS B 96 9.99 -14.15 -18.97
N MET B 97 9.33 -15.14 -19.56
CA MET B 97 8.83 -16.28 -18.81
C MET B 97 9.87 -17.35 -18.54
N ASP B 98 10.72 -17.60 -19.51
CA ASP B 98 11.68 -18.70 -19.43
C ASP B 98 12.68 -18.56 -18.31
N GLU B 99 13.16 -19.70 -17.84
CA GLU B 99 14.20 -19.80 -16.81
C GLU B 99 15.36 -20.64 -17.36
N ILE B 100 16.53 -20.57 -16.75
CA ILE B 100 17.60 -21.44 -17.16
C ILE B 100 17.26 -22.87 -16.73
N GLY B 101 17.88 -23.85 -17.36
CA GLY B 101 17.62 -25.23 -17.01
C GLY B 101 18.57 -26.14 -17.74
N LEU B 102 18.26 -27.43 -17.75
CA LEU B 102 19.11 -28.41 -18.40
C LEU B 102 18.33 -29.26 -19.38
N PHE B 103 18.99 -29.65 -20.46
CA PHE B 103 18.47 -30.61 -21.44
C PHE B 103 19.06 -31.96 -21.14
N ILE B 104 18.27 -33.02 -21.08
CA ILE B 104 18.88 -34.32 -20.89
C ILE B 104 19.43 -34.67 -22.27
N SER B 105 20.76 -34.80 -22.34
CA SER B 105 21.52 -35.02 -23.57
C SER B 105 21.61 -36.48 -24.01
N HIS B 106 21.77 -37.36 -23.03
CA HIS B 106 22.08 -38.74 -23.26
C HIS B 106 21.61 -39.54 -22.05
N ILE B 107 21.16 -40.78 -22.29
CA ILE B 107 20.78 -41.70 -21.22
C ILE B 107 21.71 -42.88 -21.11
N GLU B 108 22.44 -42.99 -20.02
CA GLU B 108 23.47 -44.01 -19.95
C GLU B 108 22.84 -45.36 -19.84
N ASP B 109 23.62 -46.37 -20.18
CA ASP B 109 23.17 -47.74 -20.08
C ASP B 109 22.73 -48.05 -18.66
N ASP B 110 23.45 -47.52 -17.68
CA ASP B 110 23.17 -47.87 -16.29
C ASP B 110 22.12 -46.95 -15.69
N GLY B 111 21.54 -46.10 -16.51
CA GLY B 111 20.35 -45.38 -16.12
C GLY B 111 20.52 -43.92 -15.79
N PHE B 112 21.76 -43.45 -15.76
CA PHE B 112 22.05 -42.05 -15.47
C PHE B 112 21.80 -41.18 -16.67
N LEU B 113 21.59 -39.89 -16.43
CA LEU B 113 21.34 -38.94 -17.51
C LEU B 113 22.43 -37.91 -17.58
N ARG B 114 22.77 -37.49 -18.79
CA ARG B 114 23.77 -36.46 -19.02
C ARG B 114 23.09 -35.24 -19.54
N VAL B 115 23.65 -34.07 -19.27
CA VAL B 115 22.97 -32.85 -19.62
C VAL B 115 23.80 -31.85 -20.37
N ILE B 116 23.12 -30.97 -21.09
CA ILE B 116 23.71 -29.78 -21.68
C ILE B 116 22.84 -28.62 -21.23
N PRO B 117 23.43 -27.44 -21.01
CA PRO B 117 22.74 -26.31 -20.35
C PRO B 117 21.82 -25.44 -21.21
N ILE B 118 20.80 -24.87 -20.58
CA ILE B 118 20.00 -23.87 -21.24
C ILE B 118 20.25 -22.51 -20.64
N GLY B 119 20.88 -21.63 -21.40
CA GLY B 119 21.22 -20.32 -20.90
C GLY B 119 22.42 -20.29 -19.98
N GLY B 120 22.39 -19.34 -19.06
CA GLY B 120 23.57 -18.91 -18.34
C GLY B 120 23.98 -19.81 -17.21
N VAL B 121 23.63 -21.09 -17.29
CA VAL B 121 23.96 -22.06 -16.24
C VAL B 121 25.46 -22.22 -15.95
N LEU B 122 25.81 -22.11 -14.67
CA LEU B 122 27.18 -22.26 -14.18
C LEU B 122 27.31 -23.49 -13.31
N GLU B 123 28.38 -24.25 -13.50
CA GLU B 123 28.53 -25.54 -12.86
C GLU B 123 28.56 -25.51 -11.35
N ARG B 124 28.95 -24.40 -10.74
CA ARG B 124 28.94 -24.38 -9.29
C ARG B 124 27.56 -24.48 -8.71
N THR B 125 26.55 -24.15 -9.50
CA THR B 125 25.21 -24.15 -8.96
C THR B 125 24.58 -25.50 -9.10
N LEU B 126 25.28 -26.43 -9.73
CA LEU B 126 24.74 -27.74 -10.01
C LEU B 126 25.19 -28.86 -9.09
N LEU B 127 26.07 -28.59 -8.15
CA LEU B 127 26.66 -29.66 -7.39
C LEU B 127 25.82 -30.03 -6.20
N TYR B 128 25.39 -31.30 -6.16
CA TYR B 128 24.59 -31.83 -5.06
C TYR B 128 23.28 -31.10 -4.95
N GLN B 129 22.76 -30.77 -6.11
CA GLN B 129 21.47 -30.13 -6.23
C GLN B 129 20.42 -31.12 -6.63
N ARG B 130 19.21 -30.92 -6.12
CA ARG B 130 18.13 -31.78 -6.48
C ARG B 130 17.38 -31.08 -7.59
N VAL B 131 16.89 -31.87 -8.54
CA VAL B 131 16.40 -31.35 -9.79
C VAL B 131 15.06 -31.99 -10.11
N VAL B 132 14.25 -31.36 -10.94
CA VAL B 132 13.02 -31.98 -11.44
C VAL B 132 13.04 -32.14 -12.96
N VAL B 133 12.89 -33.38 -13.43
CA VAL B 133 12.81 -33.65 -14.86
C VAL B 133 11.37 -33.71 -15.32
N ARG B 134 11.03 -33.00 -16.39
CA ARG B 134 9.66 -33.03 -16.86
C ARG B 134 9.52 -33.82 -18.13
N THR B 135 8.61 -34.77 -18.09
CA THR B 135 8.38 -35.72 -19.16
C THR B 135 8.03 -35.06 -20.45
N ARG B 136 8.39 -35.73 -21.52
CA ARG B 136 7.97 -35.40 -22.86
C ARG B 136 6.46 -35.20 -22.92
N ASP B 137 5.70 -35.94 -22.12
CA ASP B 137 4.28 -35.68 -22.15
C ASP B 137 3.88 -34.80 -20.98
N GLY B 138 3.53 -35.36 -19.83
CA GLY B 138 3.18 -34.48 -18.73
C GLY B 138 3.97 -34.38 -17.44
N ARG B 139 4.75 -35.39 -17.08
CA ARG B 139 4.96 -35.57 -15.66
C ARG B 139 6.37 -35.33 -15.15
N LEU B 140 6.52 -35.45 -13.84
CA LEU B 140 7.68 -34.94 -13.14
C LEU B 140 8.38 -35.93 -12.23
N TYR B 141 9.58 -36.33 -12.58
CA TYR B 141 10.36 -37.14 -11.68
C TYR B 141 11.51 -36.33 -11.10
N ARG B 142 11.74 -36.47 -9.82
CA ARG B 142 12.85 -35.81 -9.21
C ARG B 142 14.09 -36.58 -9.54
N GLY B 143 15.21 -35.88 -9.55
CA GLY B 143 16.50 -36.43 -9.84
C GLY B 143 17.54 -35.70 -9.03
N VAL B 144 18.76 -36.21 -9.06
CA VAL B 144 19.83 -35.73 -8.22
C VAL B 144 21.08 -35.60 -9.07
N ILE B 145 21.76 -34.45 -8.97
CA ILE B 145 22.95 -34.22 -9.75
C ILE B 145 24.12 -34.64 -8.92
N GLY B 146 24.77 -35.71 -9.34
CA GLY B 146 25.85 -36.31 -8.58
C GLY B 146 27.24 -36.05 -9.10
N LEU B 147 28.23 -36.38 -8.29
CA LEU B 147 29.63 -36.21 -8.65
C LEU B 147 30.39 -37.51 -8.46
N LYS B 148 31.51 -37.68 -9.16
CA LYS B 148 32.45 -38.73 -8.80
C LYS B 148 32.86 -38.47 -7.36
N PRO B 149 33.14 -39.54 -6.61
CA PRO B 149 33.56 -39.32 -5.23
C PRO B 149 34.95 -38.70 -5.17
N PRO B 150 35.31 -38.10 -4.02
CA PRO B 150 36.63 -37.50 -3.82
C PRO B 150 37.76 -38.44 -4.21
N HIS B 151 37.57 -39.74 -4.03
CA HIS B 151 38.62 -40.63 -4.46
C HIS B 151 38.28 -41.22 -5.83
N VAL B 152 38.71 -40.50 -6.85
CA VAL B 152 39.20 -41.03 -8.10
C VAL B 152 40.39 -40.16 -8.46
N ILE B 153 40.13 -38.88 -8.71
N ALA B 158 41.89 -32.05 -4.75
CA ALA B 158 41.72 -31.45 -6.07
C ALA B 158 40.26 -31.12 -6.36
N GLN B 159 39.71 -30.11 -5.66
CA GLN B 159 38.42 -29.51 -5.98
C GLN B 159 38.62 -28.02 -6.21
N LYS B 160 38.55 -27.47 -7.43
CA LYS B 160 38.06 -28.03 -8.71
C LYS B 160 36.57 -28.36 -8.79
N VAL B 161 35.78 -27.31 -9.03
CA VAL B 161 34.44 -27.45 -9.55
C VAL B 161 34.47 -28.26 -10.83
N PRO B 162 33.75 -29.39 -10.87
CA PRO B 162 33.78 -30.26 -12.04
C PRO B 162 33.22 -29.62 -13.28
N GLU B 163 33.32 -30.36 -14.37
CA GLU B 163 32.87 -29.89 -15.66
C GLU B 163 31.58 -30.59 -16.02
N LEU B 164 30.72 -29.89 -16.74
CA LEU B 164 29.40 -30.39 -17.04
C LEU B 164 29.40 -31.82 -17.55
N ARG B 165 30.39 -32.20 -18.33
CA ARG B 165 30.40 -33.54 -18.89
C ARG B 165 30.78 -34.57 -17.85
N GLU B 166 31.22 -34.12 -16.69
CA GLU B 166 31.57 -35.01 -15.61
C GLU B 166 30.39 -35.17 -14.66
N LEU B 167 29.25 -34.62 -15.05
CA LEU B 167 28.08 -34.61 -14.18
C LEU B 167 26.97 -35.46 -14.74
N PHE B 168 26.12 -35.94 -13.86
CA PHE B 168 25.03 -36.79 -14.27
C PHE B 168 23.84 -36.62 -13.36
N ILE B 169 22.66 -36.95 -13.86
CA ILE B 169 21.47 -36.92 -13.04
C ILE B 169 21.03 -38.31 -12.64
N ASP B 170 20.79 -38.49 -11.35
CA ASP B 170 20.35 -39.77 -10.79
C ASP B 170 18.85 -39.72 -10.50
N VAL B 171 18.08 -40.44 -11.31
CA VAL B 171 16.64 -40.48 -11.15
C VAL B 171 16.16 -41.73 -10.41
N GLY B 172 17.09 -42.58 -9.98
CA GLY B 172 16.76 -43.79 -9.26
C GLY B 172 16.53 -45.03 -10.13
N ALA B 173 17.12 -45.03 -11.31
CA ALA B 173 16.92 -46.08 -12.29
C ALA B 173 18.17 -46.91 -12.47
N SER B 174 18.00 -48.16 -12.84
CA SER B 174 19.12 -49.05 -13.07
C SER B 174 19.49 -49.20 -14.53
N SER B 175 18.78 -48.53 -15.42
CA SER B 175 18.97 -48.80 -16.83
C SER B 175 18.23 -47.82 -17.69
N LYS B 176 18.62 -47.77 -18.96
CA LYS B 176 17.97 -46.94 -19.93
C LYS B 176 16.58 -47.48 -20.17
N GLU B 177 16.44 -48.78 -19.95
CA GLU B 177 15.18 -49.46 -20.17
C GLU B 177 14.19 -48.85 -19.22
N GLU B 178 14.58 -48.87 -17.95
CA GLU B 178 13.82 -48.34 -16.85
C GLU B 178 13.55 -46.86 -16.99
N VAL B 179 14.44 -46.12 -17.64
CA VAL B 179 14.22 -44.69 -17.86
C VAL B 179 13.16 -44.48 -18.89
N GLU B 180 13.32 -45.15 -20.02
CA GLU B 180 12.35 -45.01 -21.11
C GLU B 180 10.97 -45.37 -20.60
N LYS B 181 10.92 -46.42 -19.81
CA LYS B 181 9.69 -46.81 -19.13
C LYS B 181 9.10 -45.69 -18.29
N MET B 182 9.94 -44.78 -17.83
CA MET B 182 9.45 -43.69 -17.01
C MET B 182 8.89 -42.58 -17.88
N GLY B 183 9.08 -42.74 -19.19
CA GLY B 183 8.59 -41.76 -20.14
C GLY B 183 9.57 -40.64 -20.41
N ILE B 184 10.73 -40.68 -19.76
CA ILE B 184 11.67 -39.60 -19.96
C ILE B 184 12.57 -39.94 -21.13
N ARG B 185 12.71 -38.98 -22.04
CA ARG B 185 13.47 -39.15 -23.28
C ARG B 185 14.45 -37.99 -23.49
N VAL B 186 15.47 -38.22 -24.30
CA VAL B 186 16.41 -37.17 -24.68
C VAL B 186 15.68 -35.95 -25.19
N GLY B 187 16.04 -34.78 -24.70
CA GLY B 187 15.32 -33.58 -25.06
C GLY B 187 14.37 -33.20 -23.96
N ASP B 188 14.13 -34.12 -23.03
CA ASP B 188 13.35 -33.80 -21.86
C ASP B 188 14.15 -32.84 -21.04
N ILE B 189 13.50 -32.12 -20.16
CA ILE B 189 14.18 -31.01 -19.59
C ILE B 189 14.20 -31.06 -18.08
N ALA B 190 15.27 -30.55 -17.48
CA ALA B 190 15.36 -30.55 -16.04
C ALA B 190 15.42 -29.13 -15.52
N VAL B 191 15.08 -28.96 -14.25
CA VAL B 191 14.99 -27.64 -13.66
C VAL B 191 15.27 -27.77 -12.17
N PHE B 192 15.85 -26.75 -11.54
CA PHE B 192 16.19 -26.81 -10.12
C PHE B 192 15.00 -27.15 -9.26
N ASP B 193 15.15 -28.08 -8.32
CA ASP B 193 14.02 -28.34 -7.45
C ASP B 193 14.15 -27.50 -6.20
N ARG B 194 13.44 -26.39 -6.20
CA ARG B 194 13.36 -25.51 -5.05
C ARG B 194 12.04 -24.78 -5.14
N GLU B 195 11.42 -24.54 -4.00
CA GLU B 195 10.17 -23.80 -3.94
C GLU B 195 10.37 -22.60 -3.08
N VAL B 196 9.52 -21.59 -3.21
CA VAL B 196 9.71 -20.36 -2.47
C VAL B 196 9.80 -20.64 -0.98
N ALA B 197 10.72 -19.94 -0.34
CA ALA B 197 10.85 -19.98 1.09
C ALA B 197 11.06 -18.57 1.57
N GLU B 198 10.56 -18.24 2.74
CA GLU B 198 10.67 -16.90 3.25
C GLU B 198 11.93 -16.74 4.07
N LEU B 199 12.67 -15.68 3.80
CA LEU B 199 13.82 -15.35 4.63
C LEU B 199 13.48 -14.11 5.39
N GLY B 200 13.20 -14.24 6.68
CA GLY B 200 12.74 -13.11 7.46
C GLY B 200 11.45 -12.50 6.92
N TRP B 201 11.23 -11.23 7.24
CA TRP B 201 9.96 -10.61 6.90
C TRP B 201 9.92 -10.14 5.45
N ASN B 202 11.00 -9.54 4.95
CA ASN B 202 10.98 -8.94 3.60
C ASN B 202 11.51 -9.72 2.41
N ARG B 203 12.20 -10.83 2.63
CA ARG B 203 12.91 -11.46 1.54
C ARG B 203 12.48 -12.89 1.32
N ILE B 204 12.73 -13.38 0.11
CA ILE B 204 12.41 -14.77 -0.26
C ILE B 204 13.45 -15.42 -1.14
N THR B 205 13.46 -16.75 -1.12
CA THR B 205 14.33 -17.57 -1.95
C THR B 205 13.51 -18.40 -2.88
N SER B 206 14.05 -18.64 -4.07
CA SER B 206 13.55 -19.70 -4.94
C SER B 206 14.41 -19.79 -6.17
N LYS B 207 14.15 -20.81 -6.96
CA LYS B 207 14.72 -20.91 -8.29
C LYS B 207 13.93 -19.99 -9.16
N ALA B 208 14.49 -19.63 -10.31
CA ALA B 208 13.74 -18.94 -11.35
C ALA B 208 13.09 -17.64 -10.95
N PHE B 209 13.75 -16.83 -10.12
CA PHE B 209 13.22 -15.50 -9.90
C PHE B 209 13.38 -14.73 -11.18
N ASP B 210 14.53 -14.89 -11.84
CA ASP B 210 14.75 -14.35 -13.18
C ASP B 210 14.03 -15.26 -14.14
N ASP B 211 13.07 -14.76 -14.89
CA ASP B 211 12.45 -13.46 -14.68
C ASP B 211 11.07 -13.51 -14.02
N ARG B 212 10.63 -14.66 -13.56
CA ARG B 212 9.25 -14.80 -13.09
C ARG B 212 8.86 -13.72 -12.12
N VAL B 213 9.84 -13.16 -11.43
CA VAL B 213 9.65 -12.01 -10.58
C VAL B 213 9.32 -10.76 -11.40
N GLY B 214 9.85 -10.68 -12.60
CA GLY B 214 9.49 -9.61 -13.48
C GLY B 214 8.14 -9.77 -14.13
N VAL B 215 7.72 -11.00 -14.39
CA VAL B 215 6.37 -11.20 -14.87
C VAL B 215 5.42 -10.76 -13.79
N VAL B 216 5.70 -11.18 -12.57
CA VAL B 216 4.87 -10.85 -11.43
C VAL B 216 4.70 -9.34 -11.26
N VAL B 217 5.78 -8.59 -11.27
CA VAL B 217 5.74 -7.14 -11.18
C VAL B 217 4.89 -6.54 -12.27
N MET B 218 5.01 -7.08 -13.48
CA MET B 218 4.20 -6.64 -14.61
C MET B 218 2.73 -6.88 -14.36
N LEU B 219 2.38 -8.10 -13.97
CA LEU B 219 1.00 -8.45 -13.68
C LEU B 219 0.43 -7.61 -12.58
N LYS B 220 1.13 -7.54 -11.48
CA LYS B 220 0.64 -6.80 -10.34
C LYS B 220 0.57 -5.33 -10.64
N ALA B 221 1.26 -4.87 -11.66
CA ALA B 221 1.13 -3.49 -12.09
C ALA B 221 -0.10 -3.36 -12.96
N LEU B 222 -0.44 -4.44 -13.64
CA LEU B 222 -1.58 -4.43 -14.53
C LEU B 222 -2.85 -4.32 -13.73
N GLU B 223 -2.85 -4.90 -12.53
CA GLU B 223 -4.02 -4.84 -11.69
C GLU B 223 -4.24 -3.43 -11.21
N MET B 224 -3.20 -2.84 -10.62
CA MET B 224 -3.29 -1.48 -10.12
C MET B 224 -3.59 -0.52 -11.26
N LEU B 225 -3.43 -1.02 -12.48
CA LEU B 225 -3.55 -0.16 -13.63
C LEU B 225 -4.98 0.29 -13.84
N GLU B 226 -5.11 1.59 -14.03
CA GLU B 226 -6.36 2.25 -14.39
C GLU B 226 -6.00 3.59 -15.00
N LYS B 227 -6.99 4.33 -15.47
CA LYS B 227 -6.78 5.76 -15.71
C LYS B 227 -5.81 6.10 -16.84
N HIS B 228 -5.23 5.10 -17.49
CA HIS B 228 -4.10 5.41 -18.36
C HIS B 228 -4.48 6.00 -19.71
N ASP B 229 -3.61 6.87 -20.17
CA ASP B 229 -3.84 7.72 -21.30
C ASP B 229 -3.57 7.09 -22.68
N VAL B 230 -2.69 6.11 -22.72
CA VAL B 230 -2.12 5.65 -23.99
C VAL B 230 -2.32 4.17 -24.16
N ASP B 231 -2.18 3.69 -25.39
CA ASP B 231 -2.31 2.26 -25.64
C ASP B 231 -1.16 1.50 -25.01
N VAL B 232 -1.48 0.42 -24.32
CA VAL B 232 -0.48 -0.33 -23.58
C VAL B 232 -0.40 -1.80 -23.95
N TYR B 233 0.78 -2.21 -24.40
CA TYR B 233 0.98 -3.60 -24.73
C TYR B 233 1.78 -4.28 -23.63
N LEU B 234 1.22 -5.36 -23.07
CA LEU B 234 1.92 -6.09 -22.03
C LEU B 234 2.30 -7.51 -22.47
N VAL B 235 3.60 -7.74 -22.58
CA VAL B 235 4.12 -8.93 -23.23
C VAL B 235 4.94 -9.79 -22.27
N ALA B 236 4.46 -11.01 -22.03
CA ALA B 236 5.23 -11.99 -21.29
C ALA B 236 5.98 -12.83 -22.28
N THR B 237 7.30 -12.70 -22.34
CA THR B 237 8.04 -13.20 -23.50
C THR B 237 8.72 -14.54 -23.29
N VAL B 238 9.29 -15.06 -24.38
CA VAL B 238 9.97 -16.36 -24.38
C VAL B 238 11.45 -16.28 -24.72
N GLN B 239 12.23 -17.23 -24.17
CA GLN B 239 13.60 -17.47 -24.62
C GLN B 239 14.57 -16.29 -24.46
N GLU B 240 14.51 -15.58 -23.34
CA GLU B 240 15.46 -14.49 -23.08
C GLU B 240 16.80 -15.00 -22.59
N GLU B 241 16.79 -16.11 -21.85
CA GLU B 241 18.00 -16.70 -21.30
C GLU B 241 18.92 -17.21 -22.41
N VAL B 242 18.31 -17.57 -23.54
CA VAL B 242 19.00 -17.99 -24.75
C VAL B 242 19.30 -16.77 -25.63
N GLY B 243 19.27 -15.60 -25.01
CA GLY B 243 19.59 -14.35 -25.68
C GLY B 243 18.53 -13.53 -26.38
N LEU B 244 17.43 -13.26 -25.66
CA LEU B 244 16.47 -12.21 -25.99
C LEU B 244 15.73 -12.46 -27.30
N LYS B 245 15.44 -13.71 -27.57
CA LYS B 245 14.85 -14.07 -28.85
C LYS B 245 13.39 -13.60 -28.94
N GLY B 246 12.59 -13.99 -27.96
CA GLY B 246 11.17 -13.68 -27.95
C GLY B 246 10.83 -12.21 -28.01
N ALA B 247 11.65 -11.37 -27.37
CA ALA B 247 11.41 -9.94 -27.34
C ALA B 247 11.74 -9.28 -28.69
N LYS B 248 12.73 -9.82 -29.40
CA LYS B 248 13.11 -9.27 -30.70
C LYS B 248 11.94 -9.43 -31.69
N THR B 249 11.31 -10.59 -31.68
CA THR B 249 10.23 -10.88 -32.62
C THR B 249 8.89 -10.29 -32.20
N SER B 250 8.62 -10.27 -30.89
CA SER B 250 7.34 -9.78 -30.41
C SER B 250 7.22 -8.28 -30.65
N ALA B 251 8.34 -7.58 -30.46
CA ALA B 251 8.35 -6.14 -30.63
C ALA B 251 8.15 -5.74 -32.07
N TYR B 252 8.67 -6.55 -32.99
CA TYR B 252 8.63 -6.25 -34.42
C TYR B 252 7.20 -6.12 -34.93
N GLY B 253 6.35 -7.07 -34.55
CA GLY B 253 4.95 -7.04 -34.95
C GLY B 253 4.18 -5.90 -34.30
N ILE B 254 4.39 -5.72 -33.00
CA ILE B 254 3.66 -4.70 -32.25
C ILE B 254 4.10 -3.30 -32.63
N SER B 255 5.41 -3.13 -32.78
CA SER B 255 6.04 -1.85 -33.11
C SER B 255 5.51 -0.71 -32.24
N PRO B 256 5.92 -0.68 -30.96
CA PRO B 256 5.58 0.35 -30.00
C PRO B 256 6.45 1.59 -30.16
N ASP B 257 5.97 2.71 -29.64
CA ASP B 257 6.75 3.93 -29.66
C ASP B 257 7.86 3.81 -28.64
N VAL B 258 7.50 3.31 -27.46
CA VAL B 258 8.40 3.22 -26.33
C VAL B 258 8.20 1.90 -25.61
N ALA B 259 9.27 1.15 -25.37
CA ALA B 259 9.16 -0.13 -24.69
C ALA B 259 9.77 -0.02 -23.31
N LEU B 260 9.30 -0.83 -22.38
CA LEU B 260 9.90 -0.90 -21.04
C LEU B 260 10.16 -2.34 -20.65
N ALA B 261 11.37 -2.64 -20.20
CA ALA B 261 11.72 -4.01 -19.83
C ALA B 261 11.77 -4.20 -18.31
N ILE B 262 11.38 -5.39 -17.88
CA ILE B 262 11.46 -5.75 -16.47
C ILE B 262 12.19 -7.07 -16.33
N ASP B 263 13.37 -7.04 -15.73
CA ASP B 263 14.20 -8.21 -15.57
C ASP B 263 14.77 -8.07 -14.20
N VAL B 264 15.43 -9.09 -13.67
CA VAL B 264 16.18 -8.87 -12.45
C VAL B 264 17.55 -8.33 -12.79
N THR B 265 18.34 -8.03 -11.78
CA THR B 265 19.68 -7.57 -12.03
C THR B 265 20.52 -7.93 -10.81
N ILE B 266 21.83 -7.99 -11.01
CA ILE B 266 22.78 -8.40 -9.97
C ILE B 266 22.78 -7.49 -8.77
N ALA B 267 22.67 -8.08 -7.58
CA ALA B 267 22.96 -7.40 -6.32
C ALA B 267 24.02 -8.15 -5.55
N SER B 268 25.19 -7.54 -5.40
CA SER B 268 26.34 -8.11 -4.72
C SER B 268 26.54 -7.70 -3.27
N ASP B 269 25.52 -7.12 -2.64
CA ASP B 269 25.64 -6.60 -1.28
C ASP B 269 25.97 -7.67 -0.23
N VAL B 270 26.36 -8.84 -0.68
CA VAL B 270 26.99 -9.88 0.12
C VAL B 270 28.40 -9.56 0.69
N PRO B 271 28.89 -10.37 1.65
CA PRO B 271 30.23 -10.20 2.24
C PRO B 271 31.41 -10.58 1.35
N GLY B 272 32.52 -9.89 1.52
CA GLY B 272 33.72 -10.18 0.76
C GLY B 272 33.73 -9.43 -0.53
N VAL B 273 32.80 -8.50 -0.65
CA VAL B 273 32.67 -7.66 -1.82
C VAL B 273 32.59 -6.23 -1.35
N ALA B 274 33.30 -5.35 -2.04
CA ALA B 274 33.37 -3.94 -1.70
C ALA B 274 32.15 -3.20 -2.18
N LYS B 275 31.83 -2.09 -1.52
CA LYS B 275 30.68 -1.27 -1.86
C LYS B 275 30.71 -0.88 -3.32
N SER B 276 31.91 -0.77 -3.87
CA SER B 276 32.10 -0.41 -5.25
C SER B 276 31.38 -1.38 -6.15
N GLU B 277 31.48 -2.65 -5.79
CA GLU B 277 31.02 -3.71 -6.65
C GLU B 277 29.67 -4.34 -6.33
N TRP B 278 28.96 -3.81 -5.34
CA TRP B 278 27.62 -4.30 -5.06
C TRP B 278 26.65 -4.20 -6.25
N PHE B 279 26.71 -3.07 -6.92
CA PHE B 279 25.89 -2.69 -8.08
C PHE B 279 24.44 -2.38 -7.77
N THR B 280 23.87 -3.00 -6.74
CA THR B 280 22.53 -2.70 -6.22
C THR B 280 22.42 -3.26 -4.83
N ARG B 281 21.48 -2.78 -4.05
CA ARG B 281 21.23 -3.35 -2.75
C ARG B 281 19.81 -3.90 -2.67
N LEU B 282 19.61 -5.02 -2.01
CA LEU B 282 18.26 -5.51 -1.76
C LEU B 282 17.49 -4.58 -0.86
N GLY B 283 16.23 -4.32 -1.23
CA GLY B 283 15.35 -3.51 -0.42
C GLY B 283 15.55 -2.03 -0.63
N TYR B 284 16.43 -1.66 -1.54
CA TYR B 284 16.68 -0.27 -1.78
C TYR B 284 15.94 0.26 -2.99
N GLY B 285 15.11 -0.59 -3.58
CA GLY B 285 14.20 -0.13 -4.59
C GLY B 285 14.62 -0.60 -5.95
N PRO B 286 13.68 -0.66 -6.88
CA PRO B 286 13.97 -1.11 -8.23
C PRO B 286 15.03 -0.23 -8.87
N ALA B 287 15.73 -0.76 -9.85
CA ALA B 287 16.82 -0.02 -10.43
C ALA B 287 16.51 0.40 -11.84
N ILE B 288 16.36 1.70 -12.02
CA ILE B 288 16.31 2.27 -13.35
C ILE B 288 17.66 2.04 -14.01
N LYS B 289 17.66 1.61 -15.26
CA LYS B 289 18.91 1.24 -15.89
C LYS B 289 19.49 2.35 -16.73
N ILE B 290 20.69 2.79 -16.40
CA ILE B 290 21.48 3.55 -17.38
C ILE B 290 22.35 2.72 -18.34
N VAL B 291 23.04 1.69 -17.83
CA VAL B 291 23.85 0.78 -18.66
C VAL B 291 23.95 -0.69 -18.19
N ASP B 292 23.80 -1.63 -19.12
CA ASP B 292 24.20 -3.00 -18.87
C ASP B 292 25.05 -3.50 -20.03
N GLY B 293 25.58 -4.72 -19.88
CA GLY B 293 26.38 -5.36 -20.91
C GLY B 293 27.88 -5.13 -20.74
N ARG B 294 28.67 -6.12 -21.14
CA ARG B 294 30.12 -6.00 -21.10
C ARG B 294 30.62 -4.96 -22.10
N ASN B 295 31.48 -4.05 -21.63
CA ASN B 295 31.93 -2.88 -22.40
C ASN B 295 30.75 -2.04 -22.87
N ALA B 296 29.84 -1.75 -21.93
CA ALA B 296 28.50 -1.30 -22.24
C ALA B 296 27.95 -2.29 -23.28
N GLY B 297 27.25 -1.81 -24.28
CA GLY B 297 26.95 -2.66 -25.42
C GLY B 297 25.70 -3.54 -25.37
N GLY B 298 25.22 -3.90 -24.19
CA GLY B 298 23.89 -4.48 -24.12
C GLY B 298 22.80 -3.45 -24.33
N LEU B 299 22.69 -2.51 -23.39
CA LEU B 299 21.87 -1.32 -23.57
C LEU B 299 22.45 -0.12 -22.84
N ILE B 300 22.60 1.01 -23.53
CA ILE B 300 22.70 2.27 -22.84
C ILE B 300 21.31 2.87 -23.03
N ALA B 301 20.50 2.86 -21.97
CA ALA B 301 19.09 3.16 -22.08
C ALA B 301 18.86 4.60 -22.54
N HIS B 302 17.76 4.81 -23.24
CA HIS B 302 17.43 6.12 -23.79
C HIS B 302 17.36 7.13 -22.66
N PRO B 303 18.25 8.14 -22.69
CA PRO B 303 18.36 9.11 -21.60
C PRO B 303 17.01 9.69 -21.20
N LYS B 304 16.17 9.91 -22.20
CA LYS B 304 14.89 10.57 -22.00
C LYS B 304 13.92 9.62 -21.30
N VAL B 305 13.90 8.36 -21.70
CA VAL B 305 13.12 7.35 -20.99
C VAL B 305 13.69 7.12 -19.60
N GLY B 306 15.01 7.13 -19.52
CA GLY B 306 15.68 6.95 -18.26
C GLY B 306 15.33 8.08 -17.32
N GLU B 307 15.51 9.30 -17.79
CA GLU B 307 15.25 10.48 -16.97
C GLU B 307 13.80 10.58 -16.59
N PHE B 308 12.94 10.09 -17.47
CA PHE B 308 11.51 10.10 -17.21
C PHE B 308 11.22 9.27 -15.97
N LEU B 309 11.65 8.02 -16.00
CA LEU B 309 11.47 7.12 -14.88
C LEU B 309 12.08 7.70 -13.62
N VAL B 310 13.19 8.40 -13.77
CA VAL B 310 13.82 8.98 -12.60
C VAL B 310 12.98 10.11 -12.02
N SER B 311 12.61 11.07 -12.85
CA SER B 311 11.81 12.18 -12.36
C SER B 311 10.55 11.63 -11.70
N ILE B 312 9.86 10.73 -12.37
CA ILE B 312 8.60 10.23 -11.85
C ILE B 312 8.75 9.39 -10.59
N ALA B 313 9.89 8.74 -10.42
CA ALA B 313 10.08 8.00 -9.20
C ALA B 313 10.18 8.98 -8.04
N GLU B 314 10.88 10.08 -8.30
CA GLU B 314 11.04 11.14 -7.32
C GLU B 314 9.72 11.87 -7.03
N LYS B 315 9.00 12.25 -8.08
CA LYS B 315 7.69 12.87 -7.92
C LYS B 315 6.83 12.08 -6.94
N LYS B 316 6.73 10.78 -7.17
CA LYS B 316 5.89 9.88 -6.40
C LYS B 316 6.64 9.29 -5.20
N ARG B 317 7.85 9.80 -4.95
CA ARG B 317 8.68 9.39 -3.82
C ARG B 317 8.76 7.88 -3.71
N ILE B 318 9.08 7.26 -4.83
CA ILE B 318 9.33 5.84 -4.91
C ILE B 318 10.83 5.63 -4.78
N PRO B 319 11.24 4.69 -3.92
CA PRO B 319 12.67 4.46 -3.76
C PRO B 319 13.22 3.77 -4.99
N TYR B 320 14.43 4.11 -5.39
CA TYR B 320 14.97 3.52 -6.59
C TYR B 320 16.48 3.58 -6.61
N GLN B 321 17.06 2.78 -7.49
CA GLN B 321 18.50 2.75 -7.66
C GLN B 321 18.84 2.94 -9.12
N LEU B 322 20.06 3.32 -9.40
CA LEU B 322 20.54 3.43 -10.77
C LEU B 322 21.32 2.20 -11.15
N ASP B 323 20.91 1.53 -12.20
CA ASP B 323 21.59 0.31 -12.59
C ASP B 323 22.68 0.65 -13.59
N VAL B 324 23.92 0.56 -13.09
CA VAL B 324 25.12 0.73 -13.91
C VAL B 324 25.94 -0.55 -13.77
N ILE B 325 25.97 -1.42 -14.78
CA ILE B 325 26.64 -2.71 -14.55
C ILE B 325 27.62 -3.12 -15.62
N SER B 326 28.55 -3.98 -15.21
CA SER B 326 29.66 -4.44 -16.04
C SER B 326 29.34 -5.56 -17.02
N GLY B 327 28.24 -6.26 -16.80
CA GLY B 327 27.88 -7.37 -17.69
C GLY B 327 26.47 -7.82 -17.48
N GLY B 328 25.92 -8.57 -18.44
CA GLY B 328 24.54 -9.00 -18.36
C GLY B 328 23.65 -8.07 -19.16
N THR B 329 22.40 -8.46 -19.37
CA THR B 329 21.50 -7.67 -20.21
C THR B 329 20.07 -8.22 -20.24
N THR B 330 19.15 -7.44 -20.80
CA THR B 330 17.72 -7.73 -20.76
C THR B 330 17.09 -7.68 -22.14
N ASP B 331 15.78 -7.87 -22.19
CA ASP B 331 15.01 -7.80 -23.44
C ASP B 331 15.25 -6.48 -24.18
N ALA B 332 15.46 -5.43 -23.40
CA ALA B 332 15.55 -4.06 -23.91
C ALA B 332 16.70 -3.84 -24.90
N SER B 333 17.62 -4.78 -25.00
CA SER B 333 18.77 -4.62 -25.87
C SER B 333 18.39 -4.74 -27.33
N THR B 334 17.61 -5.76 -27.65
CA THR B 334 17.17 -5.97 -29.02
C THR B 334 15.86 -5.25 -29.32
N ILE B 335 15.22 -4.73 -28.26
CA ILE B 335 14.01 -3.93 -28.42
C ILE B 335 14.34 -2.52 -28.88
N ALA B 336 15.33 -1.90 -28.24
CA ALA B 336 15.81 -0.58 -28.63
C ALA B 336 16.42 -0.62 -30.02
N LEU B 337 16.68 -1.83 -30.49
CA LEU B 337 17.25 -2.06 -31.82
C LEU B 337 16.20 -2.35 -32.90
N ASN B 338 14.92 -2.25 -32.54
CA ASN B 338 13.86 -2.67 -33.45
C ASN B 338 13.40 -1.60 -34.44
N LYS B 339 13.52 -1.93 -35.72
CA LYS B 339 13.14 -1.07 -36.85
C LYS B 339 13.86 0.28 -36.85
N GLU B 340 13.11 1.38 -36.81
CA GLU B 340 13.70 2.71 -36.78
C GLU B 340 14.26 3.00 -35.39
N GLY B 341 13.97 2.09 -34.47
CA GLY B 341 14.35 2.24 -33.10
C GLY B 341 13.17 2.50 -32.20
N VAL B 342 13.33 2.06 -30.95
CA VAL B 342 12.29 2.14 -29.94
C VAL B 342 12.89 2.67 -28.67
N ALA B 343 12.40 3.82 -28.22
CA ALA B 343 12.91 4.37 -26.98
C ALA B 343 12.69 3.34 -25.89
N ALA B 344 13.75 3.01 -25.16
CA ALA B 344 13.69 1.85 -24.27
C ALA B 344 14.52 2.01 -23.01
N GLY B 345 14.03 1.42 -21.93
CA GLY B 345 14.69 1.46 -20.64
C GLY B 345 14.33 0.22 -19.85
N THR B 346 14.80 0.14 -18.62
CA THR B 346 14.57 -1.06 -17.83
C THR B 346 14.29 -0.78 -16.36
N ILE B 347 13.24 -1.40 -15.85
CA ILE B 347 13.07 -1.55 -14.43
C ILE B 347 13.63 -2.88 -14.07
N SER B 348 14.64 -2.91 -13.21
CA SER B 348 15.28 -4.16 -12.85
C SER B 348 15.15 -4.38 -11.35
N ILE B 349 14.73 -5.55 -10.93
CA ILE B 349 14.62 -5.80 -9.50
C ILE B 349 15.90 -6.47 -8.99
N PRO B 350 16.48 -5.90 -7.92
CA PRO B 350 17.73 -6.42 -7.36
C PRO B 350 17.56 -7.86 -6.96
N SER B 351 18.51 -8.71 -7.29
CA SER B 351 18.43 -10.10 -6.90
C SER B 351 19.81 -10.63 -6.57
N ARG B 352 19.91 -11.39 -5.49
CA ARG B 352 21.17 -12.03 -5.11
C ARG B 352 21.27 -13.45 -5.65
N TYR B 353 22.47 -13.87 -6.03
CA TYR B 353 22.73 -15.23 -6.48
C TYR B 353 21.88 -15.57 -7.67
N ILE B 354 21.86 -14.69 -8.66
CA ILE B 354 21.10 -14.96 -9.87
C ILE B 354 21.65 -16.22 -10.52
N HIS B 355 20.75 -16.96 -11.17
CA HIS B 355 21.06 -18.16 -11.91
C HIS B 355 21.50 -19.30 -11.05
N SER B 356 20.85 -19.44 -9.90
CA SER B 356 21.14 -20.51 -8.97
C SER B 356 19.80 -20.97 -8.48
N PRO B 357 19.75 -22.13 -7.80
CA PRO B 357 18.48 -22.53 -7.21
C PRO B 357 18.09 -21.65 -6.05
N VAL B 358 19.09 -20.93 -5.59
CA VAL B 358 19.09 -20.23 -4.33
C VAL B 358 18.90 -18.69 -4.41
N GLU B 359 18.49 -18.17 -5.55
CA GLU B 359 18.32 -16.73 -5.71
C GLU B 359 17.52 -16.07 -4.61
N VAL B 360 17.87 -14.83 -4.28
CA VAL B 360 17.17 -14.05 -3.24
C VAL B 360 16.62 -12.72 -3.77
N VAL B 361 15.39 -12.40 -3.38
CA VAL B 361 14.73 -11.18 -3.81
C VAL B 361 14.14 -10.48 -2.60
N ASP B 362 14.00 -9.16 -2.65
CA ASP B 362 13.33 -8.42 -1.58
C ASP B 362 11.97 -7.88 -2.02
N LEU B 363 10.91 -8.26 -1.32
CA LEU B 363 9.53 -7.97 -1.72
C LEU B 363 9.17 -6.50 -1.85
N ARG B 364 9.88 -5.62 -1.15
CA ARG B 364 9.64 -4.21 -1.30
C ARG B 364 10.10 -3.72 -2.66
N ASP B 365 11.20 -4.29 -3.16
CA ASP B 365 11.67 -3.95 -4.49
C ASP B 365 10.64 -4.34 -5.52
N LEU B 366 9.86 -5.35 -5.22
CA LEU B 366 8.90 -5.81 -6.21
C LEU B 366 7.73 -4.86 -6.20
N TYR B 367 7.27 -4.54 -5.00
CA TYR B 367 6.15 -3.63 -4.83
C TYR B 367 6.44 -2.27 -5.44
N ASN B 368 7.55 -1.67 -5.05
CA ASN B 368 7.94 -0.41 -5.65
C ASN B 368 8.16 -0.54 -7.16
N ALA B 369 8.39 -1.75 -7.64
CA ALA B 369 8.64 -1.91 -9.04
C ALA B 369 7.33 -1.87 -9.77
N SER B 370 6.30 -2.45 -9.18
CA SER B 370 5.00 -2.41 -9.79
C SER B 370 4.44 -1.00 -9.71
N LEU B 371 4.74 -0.30 -8.63
CA LEU B 371 4.28 1.08 -8.54
C LEU B 371 4.89 1.89 -9.67
N LEU B 372 6.20 1.94 -9.74
CA LEU B 372 6.88 2.66 -10.82
C LEU B 372 6.46 2.21 -12.22
N ALA B 373 6.12 0.96 -12.42
CA ALA B 373 5.63 0.58 -13.74
C ALA B 373 4.26 1.21 -13.99
N LYS B 374 3.34 1.03 -13.04
CA LYS B 374 2.02 1.67 -13.07
C LYS B 374 2.13 3.14 -13.40
N ALA B 375 2.82 3.88 -12.56
CA ALA B 375 3.05 5.30 -12.78
C ALA B 375 3.54 5.67 -14.18
N PHE B 376 4.56 4.98 -14.65
CA PHE B 376 5.13 5.25 -15.96
C PHE B 376 4.08 5.19 -17.03
N ILE B 377 3.24 4.19 -16.96
CA ILE B 377 2.18 4.04 -17.92
C ILE B 377 1.12 5.12 -17.71
N GLU B 378 0.69 5.30 -16.46
CA GLU B 378 -0.34 6.27 -16.13
C GLU B 378 0.07 7.67 -16.55
N GLU B 379 1.32 7.99 -16.32
CA GLU B 379 1.81 9.33 -16.60
C GLU B 379 2.44 9.48 -17.98
N ALA B 380 2.34 8.45 -18.81
CA ALA B 380 2.75 8.61 -20.20
C ALA B 380 1.71 9.41 -20.96
N THR B 381 2.17 10.30 -21.82
CA THR B 381 1.31 11.16 -22.65
C THR B 381 1.75 11.18 -24.10
N PRO B 382 0.78 11.22 -25.03
CA PRO B 382 1.03 11.34 -26.46
C PRO B 382 1.96 12.48 -26.78
N GLU B 383 1.83 13.60 -26.09
CA GLU B 383 2.66 14.75 -26.36
C GLU B 383 4.11 14.42 -26.06
N TRP B 384 4.33 13.78 -24.92
CA TRP B 384 5.67 13.45 -24.47
C TRP B 384 6.37 12.50 -25.42
N ILE B 385 5.60 11.54 -25.92
CA ILE B 385 6.09 10.54 -26.85
C ILE B 385 6.74 11.15 -28.08
N GLN B 386 6.39 12.38 -28.42
CA GLN B 386 7.19 13.05 -29.41
C GLN B 386 8.15 13.98 -28.70
N SER B 387 9.40 13.55 -28.62
CA SER B 387 10.49 14.37 -28.12
C SER B 387 11.86 14.22 -28.85
N ILE B 388 12.51 13.03 -28.90
CA ILE B 388 11.96 11.67 -29.14
C ILE B 388 11.29 11.70 -30.54
N LYS B 389 12.14 11.47 -31.54
CA LYS B 389 11.98 11.73 -32.99
C LYS B 389 12.16 13.17 -33.51
N GLY B 390 13.02 13.93 -32.84
CA GLY B 390 13.95 14.82 -33.50
C GLY B 390 13.69 15.91 -34.53
N VAL B 391 12.83 16.86 -34.18
CA VAL B 391 13.03 18.25 -34.59
C VAL B 391 13.02 18.61 -36.10
N VAL B 392 13.27 17.62 -36.97
CA VAL B 392 13.23 17.84 -38.43
C VAL B 392 13.83 19.18 -38.86
N ILE B 393 15.16 19.30 -38.79
CA ILE B 393 15.81 20.58 -38.96
C ILE B 393 15.69 21.21 -40.35
N LYS B 394 16.00 20.44 -41.39
CA LYS B 394 15.88 20.88 -42.79
C LYS B 394 16.50 22.25 -43.12
#